data_5BQS
#
_entry.id   5BQS
#
_cell.length_a   54.191
_cell.length_b   77.734
_cell.length_c   64.633
_cell.angle_alpha   90.000
_cell.angle_beta   108.970
_cell.angle_gamma   90.000
#
_symmetry.space_group_name_H-M   'P 1 21 1'
#
loop_
_entity.id
_entity.type
_entity.pdbx_description
1 polymer '3-oxoacyl-[acyl-carrier-protein] synthase 3'
2 non-polymer 'SODIUM ION'
3 non-polymer '1-{5-[2-chloro-5-(hydroxymethyl)phenyl]pyridin-2-yl}piperidine-4-carboxylic acid'
4 water water
#
_entity_poly.entity_id   1
_entity_poly.type   'polypeptide(L)'
_entity_poly.pdbx_seq_one_letter_code
;AFAKISQVAHYVPEQVVTNHDLAQIMDTNDEWISSRTGIRQRHISRTESTSDLATEVAKKLMAKAGITGKELDFIILATI
TPDSMMPSTAARVQANIGANKAFAFDLTAACSGFVFALSTAEKFIASGRFQKGLVIGSETLSKAVDWSDRSTAVLFGDGA
GGVLLEASEQEHFLAESLNSDGSRSECLTYGHSGLHSPFSDQESADSFLKMDGRTVFDFAIRDVAKSIKQTIDESPIEVT
DLDYLLLHQANDRILDKMARKIGVDRAKLPANMMEYGNTSAASIPILLSECVEQGLIPLDGSQTVLLSGFGGGLTWGTLI
LTI
;
_entity_poly.pdbx_strand_id   A,B
#
loop_
_chem_comp.id
_chem_comp.type
_chem_comp.name
_chem_comp.formula
4VN non-polymer '1-{5-[2-chloro-5-(hydroxymethyl)phenyl]pyridin-2-yl}piperidine-4-carboxylic acid' 'C18 H19 Cl N2 O3'
NA non-polymer 'SODIUM ION' 'Na 1'
#
# COMPACT_ATOMS: atom_id res chain seq x y z
N ALA A 1 20.31 12.42 -3.02
CA ALA A 1 20.69 11.47 -4.07
C ALA A 1 19.65 11.42 -5.18
N PHE A 2 19.99 10.83 -6.35
CA PHE A 2 19.05 10.67 -7.47
C PHE A 2 18.83 9.18 -7.73
N ALA A 3 17.67 8.84 -8.26
CA ALA A 3 17.31 7.46 -8.60
C ALA A 3 17.35 7.29 -10.12
N LYS A 4 17.61 6.06 -10.56
CA LYS A 4 17.58 5.67 -11.97
C LYS A 4 17.16 4.23 -12.08
N ILE A 5 16.53 3.87 -13.21
CA ILE A 5 16.13 2.51 -13.51
C ILE A 5 17.35 1.83 -14.11
N SER A 6 17.86 0.77 -13.46
CA SER A 6 19.07 0.11 -14.01
C SER A 6 18.70 -1.19 -14.73
N GLN A 7 17.68 -1.93 -14.22
CA GLN A 7 17.21 -3.19 -14.82
C GLN A 7 15.70 -3.22 -14.88
N VAL A 8 15.17 -3.99 -15.84
CA VAL A 8 13.73 -4.17 -16.04
C VAL A 8 13.53 -5.67 -16.27
N ALA A 9 12.37 -6.21 -15.88
CA ALA A 9 12.06 -7.63 -16.08
C ALA A 9 10.59 -7.83 -15.99
N HIS A 10 10.11 -8.95 -16.56
CA HIS A 10 8.69 -9.30 -16.52
C HIS A 10 8.53 -10.80 -16.41
N TYR A 11 7.39 -11.22 -15.89
CA TYR A 11 7.04 -12.63 -15.78
C TYR A 11 5.55 -12.80 -15.83
N VAL A 12 5.11 -13.72 -16.67
CA VAL A 12 3.71 -14.09 -16.81
C VAL A 12 3.57 -15.59 -16.58
N PRO A 13 2.46 -16.09 -16.00
CA PRO A 13 2.29 -17.55 -15.88
C PRO A 13 2.32 -18.17 -17.29
N GLU A 14 2.84 -19.39 -17.43
CA GLU A 14 2.97 -20.03 -18.75
C GLU A 14 1.63 -20.21 -19.46
N GLN A 15 0.56 -20.54 -18.71
CA GLN A 15 -0.76 -20.77 -19.30
C GLN A 15 -1.27 -19.57 -20.08
N VAL A 16 -1.55 -19.79 -21.37
CA VAL A 16 -2.07 -18.78 -22.28
C VAL A 16 -3.54 -19.10 -22.53
N VAL A 17 -4.41 -18.10 -22.39
CA VAL A 17 -5.83 -18.23 -22.69
C VAL A 17 -6.14 -17.31 -23.88
N THR A 18 -6.38 -17.90 -25.05
CA THR A 18 -6.70 -17.12 -26.25
C THR A 18 -8.15 -16.70 -26.21
N ASN A 19 -8.55 -15.75 -27.08
CA ASN A 19 -9.94 -15.30 -27.21
C ASN A 19 -10.83 -16.48 -27.63
N HIS A 20 -10.24 -17.43 -28.38
CA HIS A 20 -10.86 -18.66 -28.85
C HIS A 20 -11.21 -19.59 -27.67
N ASP A 21 -10.32 -19.68 -26.66
CA ASP A 21 -10.52 -20.48 -25.44
C ASP A 21 -11.66 -19.87 -24.60
N LEU A 22 -11.76 -18.52 -24.59
CA LEU A 22 -12.81 -17.81 -23.88
C LEU A 22 -14.17 -18.05 -24.50
N ALA A 23 -14.24 -18.11 -25.85
CA ALA A 23 -15.44 -18.39 -26.63
C ALA A 23 -16.08 -19.75 -26.23
N GLN A 24 -15.33 -20.61 -25.49
CA GLN A 24 -15.73 -21.95 -25.01
C GLN A 24 -16.45 -21.89 -23.63
N ILE A 25 -16.24 -20.81 -22.88
CA ILE A 25 -16.84 -20.65 -21.56
C ILE A 25 -17.81 -19.47 -21.50
N MET A 26 -17.92 -18.71 -22.59
CA MET A 26 -18.80 -17.55 -22.67
C MET A 26 -19.19 -17.26 -24.11
N ASP A 27 -20.32 -16.61 -24.32
CA ASP A 27 -20.77 -16.31 -25.68
C ASP A 27 -20.08 -15.02 -26.18
N THR A 28 -18.80 -15.14 -26.56
CA THR A 28 -17.88 -14.12 -27.11
C THR A 28 -17.12 -14.73 -28.31
N ASN A 29 -16.30 -13.91 -29.00
CA ASN A 29 -15.47 -14.36 -30.12
C ASN A 29 -14.21 -13.52 -30.26
N ASP A 30 -13.21 -14.08 -30.96
CA ASP A 30 -11.90 -13.49 -31.24
C ASP A 30 -12.01 -12.15 -31.96
N GLU A 31 -12.88 -12.07 -32.99
CA GLU A 31 -13.11 -10.88 -33.82
C GLU A 31 -13.61 -9.68 -33.02
N TRP A 32 -14.63 -9.88 -32.19
CA TRP A 32 -15.23 -8.85 -31.35
C TRP A 32 -14.26 -8.32 -30.30
N ILE A 33 -13.54 -9.23 -29.58
CA ILE A 33 -12.58 -8.80 -28.56
C ILE A 33 -11.42 -7.99 -29.18
N SER A 34 -10.78 -8.53 -30.24
CA SER A 34 -9.65 -7.90 -30.93
C SER A 34 -9.98 -6.53 -31.53
N SER A 35 -11.16 -6.38 -32.16
CA SER A 35 -11.56 -5.12 -32.78
C SER A 35 -11.87 -4.00 -31.77
N ARG A 36 -12.50 -4.36 -30.67
CA ARG A 36 -12.90 -3.40 -29.63
C ARG A 36 -11.79 -3.04 -28.65
N THR A 37 -10.85 -3.96 -28.40
CA THR A 37 -9.81 -3.75 -27.36
C THR A 37 -8.36 -3.88 -27.81
N GLY A 38 -8.12 -4.68 -28.85
CA GLY A 38 -6.78 -4.99 -29.32
C GLY A 38 -6.25 -6.28 -28.73
N ILE A 39 -6.93 -6.85 -27.72
CA ILE A 39 -6.53 -8.08 -27.03
C ILE A 39 -6.83 -9.32 -27.89
N ARG A 40 -5.81 -10.20 -28.06
CA ARG A 40 -5.89 -11.45 -28.82
C ARG A 40 -5.82 -12.65 -27.89
N GLN A 41 -5.09 -12.49 -26.78
CA GLN A 41 -4.87 -13.52 -25.77
C GLN A 41 -4.45 -12.83 -24.48
N ARG A 42 -4.36 -13.61 -23.39
CA ARG A 42 -3.90 -13.13 -22.08
C ARG A 42 -3.37 -14.33 -21.32
N HIS A 43 -2.50 -14.08 -20.34
CA HIS A 43 -1.95 -15.15 -19.52
C HIS A 43 -2.80 -15.28 -18.27
N ILE A 44 -3.17 -16.53 -17.92
CA ILE A 44 -4.00 -16.80 -16.75
C ILE A 44 -3.24 -17.76 -15.87
N SER A 45 -3.04 -17.36 -14.61
CA SER A 45 -2.35 -18.19 -13.65
C SER A 45 -3.12 -19.47 -13.30
N ARG A 46 -2.43 -20.59 -13.29
CA ARG A 46 -3.05 -21.86 -12.94
C ARG A 46 -2.80 -22.16 -11.46
N THR A 47 -1.55 -21.96 -10.98
CA THR A 47 -1.16 -22.28 -9.59
C THR A 47 -0.34 -21.15 -8.92
N GLU A 48 -0.01 -20.08 -9.65
CA GLU A 48 0.85 -19.04 -9.12
C GLU A 48 0.11 -17.83 -8.58
N SER A 49 0.52 -17.40 -7.40
CA SER A 49 -0.06 -16.24 -6.76
C SER A 49 0.61 -14.98 -7.28
N THR A 50 0.09 -13.82 -6.89
CA THR A 50 0.66 -12.51 -7.23
C THR A 50 2.11 -12.44 -6.73
N SER A 51 2.40 -12.89 -5.48
CA SER A 51 3.76 -12.90 -4.94
C SER A 51 4.68 -13.86 -5.71
N ASP A 52 4.14 -14.98 -6.22
CA ASP A 52 4.91 -15.92 -7.04
C ASP A 52 5.39 -15.22 -8.32
N LEU A 53 4.49 -14.53 -9.04
CA LEU A 53 4.83 -13.79 -10.27
C LEU A 53 5.88 -12.71 -9.98
N ALA A 54 5.67 -11.94 -8.90
CA ALA A 54 6.59 -10.89 -8.45
C ALA A 54 7.96 -11.46 -8.04
N THR A 55 7.98 -12.67 -7.45
CA THR A 55 9.24 -13.35 -7.07
C THR A 55 10.09 -13.63 -8.32
N GLU A 56 9.45 -14.11 -9.41
CA GLU A 56 10.15 -14.37 -10.66
C GLU A 56 10.75 -13.09 -11.24
N VAL A 57 10.03 -11.96 -11.15
CA VAL A 57 10.51 -10.65 -11.61
C VAL A 57 11.75 -10.22 -10.79
N ALA A 58 11.69 -10.38 -9.47
CA ALA A 58 12.78 -10.06 -8.53
C ALA A 58 14.03 -10.87 -8.85
N LYS A 59 13.89 -12.20 -9.05
CA LYS A 59 15.00 -13.09 -9.39
C LYS A 59 15.67 -12.68 -10.70
N LYS A 60 14.84 -12.33 -11.72
CA LYS A 60 15.29 -11.89 -13.03
C LYS A 60 16.06 -10.56 -12.96
N LEU A 61 15.57 -9.62 -12.14
CA LEU A 61 16.20 -8.30 -11.94
C LEU A 61 17.57 -8.42 -11.28
N MET A 62 17.67 -9.26 -10.24
CA MET A 62 18.93 -9.49 -9.53
C MET A 62 19.97 -10.18 -10.39
N ALA A 63 19.53 -11.14 -11.23
CA ALA A 63 20.38 -11.89 -12.15
C ALA A 63 20.99 -10.95 -13.19
N LYS A 64 20.17 -10.04 -13.73
CA LYS A 64 20.61 -9.05 -14.72
C LYS A 64 21.61 -8.05 -14.16
N ALA A 65 21.40 -7.64 -12.90
CA ALA A 65 22.27 -6.71 -12.18
C ALA A 65 23.50 -7.41 -11.58
N GLY A 66 23.46 -8.73 -11.50
CA GLY A 66 24.53 -9.53 -10.91
C GLY A 66 24.62 -9.31 -9.41
N ILE A 67 23.45 -9.17 -8.77
CA ILE A 67 23.33 -8.92 -7.32
C ILE A 67 22.56 -10.05 -6.64
N THR A 68 22.63 -10.09 -5.30
CA THR A 68 21.92 -11.06 -4.47
C THR A 68 20.88 -10.28 -3.64
N GLY A 69 19.95 -11.02 -3.03
CA GLY A 69 18.88 -10.46 -2.19
C GLY A 69 19.35 -9.56 -1.07
N LYS A 70 20.48 -9.90 -0.42
CA LYS A 70 20.99 -9.08 0.70
C LYS A 70 21.44 -7.66 0.32
N GLU A 71 21.57 -7.36 -0.97
CA GLU A 71 22.00 -6.04 -1.46
C GLU A 71 20.85 -5.07 -1.62
N LEU A 72 19.60 -5.55 -1.49
CA LEU A 72 18.40 -4.73 -1.64
C LEU A 72 18.01 -3.97 -0.38
N ASP A 73 17.73 -2.67 -0.52
CA ASP A 73 17.28 -1.79 0.59
C ASP A 73 15.76 -1.82 0.80
N PHE A 74 15.01 -2.09 -0.25
CA PHE A 74 13.56 -2.13 -0.18
C PHE A 74 12.96 -2.92 -1.32
N ILE A 75 11.69 -3.31 -1.14
CA ILE A 75 10.84 -3.96 -2.15
C ILE A 75 9.47 -3.27 -2.01
N ILE A 76 9.04 -2.54 -3.03
CA ILE A 76 7.72 -1.89 -3.01
C ILE A 76 6.91 -2.55 -4.11
N LEU A 77 5.75 -3.12 -3.73
CA LEU A 77 4.93 -3.86 -4.66
C LEU A 77 3.56 -3.26 -4.84
N ALA A 78 3.16 -3.02 -6.10
CA ALA A 78 1.84 -2.47 -6.41
C ALA A 78 0.94 -3.60 -6.90
N THR A 79 -0.21 -3.77 -6.21
CA THR A 79 -1.21 -4.79 -6.59
C THR A 79 -2.57 -4.42 -6.01
N ILE A 80 -3.63 -4.94 -6.62
CA ILE A 80 -5.00 -4.88 -6.09
C ILE A 80 -5.45 -6.33 -5.90
N THR A 81 -4.55 -7.30 -6.16
CA THR A 81 -4.85 -8.73 -6.04
C THR A 81 -3.79 -9.41 -5.15
N PRO A 82 -3.48 -8.90 -3.93
CA PRO A 82 -2.44 -9.55 -3.12
C PRO A 82 -2.79 -10.96 -2.72
N ASP A 83 -1.78 -11.80 -2.45
CA ASP A 83 -2.02 -13.16 -1.95
C ASP A 83 -2.83 -13.08 -0.66
N SER A 84 -2.47 -12.10 0.19
CA SER A 84 -3.08 -11.88 1.49
C SER A 84 -2.84 -10.44 1.89
N MET A 85 -3.58 -9.99 2.90
CA MET A 85 -3.40 -8.63 3.45
C MET A 85 -2.21 -8.66 4.36
N MET A 86 -2.09 -9.77 5.08
CA MET A 86 -1.01 -10.00 6.03
C MET A 86 -0.52 -11.44 5.89
N PRO A 87 0.78 -11.67 5.55
CA PRO A 87 1.85 -10.69 5.23
C PRO A 87 1.56 -9.98 3.91
N SER A 88 2.20 -8.82 3.67
CA SER A 88 2.02 -8.12 2.41
C SER A 88 2.67 -8.97 1.30
N THR A 89 2.32 -8.69 0.03
CA THR A 89 2.89 -9.39 -1.13
C THR A 89 4.40 -9.13 -1.21
N ALA A 90 4.83 -7.90 -0.91
CA ALA A 90 6.23 -7.52 -0.93
C ALA A 90 7.03 -8.31 0.12
N ALA A 91 6.45 -8.54 1.33
CA ALA A 91 7.12 -9.32 2.37
C ALA A 91 7.32 -10.79 1.93
N ARG A 92 6.38 -11.31 1.13
CA ARG A 92 6.46 -12.67 0.61
C ARG A 92 7.63 -12.77 -0.38
N VAL A 93 7.75 -11.78 -1.29
CA VAL A 93 8.85 -11.69 -2.27
C VAL A 93 10.18 -11.60 -1.49
N GLN A 94 10.22 -10.72 -0.47
CA GLN A 94 11.40 -10.55 0.40
C GLN A 94 11.90 -11.91 0.94
N ALA A 95 10.97 -12.73 1.45
CA ALA A 95 11.28 -14.07 1.98
C ALA A 95 11.80 -14.97 0.88
N ASN A 96 11.13 -14.95 -0.28
CA ASN A 96 11.46 -15.83 -1.40
C ASN A 96 12.82 -15.60 -2.01
N ILE A 97 13.34 -14.36 -1.93
CA ILE A 97 14.63 -13.99 -2.52
C ILE A 97 15.73 -13.73 -1.47
N GLY A 98 15.42 -13.93 -0.19
CA GLY A 98 16.34 -13.75 0.92
C GLY A 98 16.84 -12.32 1.05
N ALA A 99 15.95 -11.33 0.90
CA ALA A 99 16.29 -9.91 1.01
C ALA A 99 16.25 -9.49 2.52
N ASN A 100 17.21 -9.96 3.33
CA ASN A 100 17.21 -9.74 4.78
C ASN A 100 17.42 -8.28 5.27
N LYS A 101 18.12 -7.42 4.51
CA LYS A 101 18.29 -6.02 4.95
C LYS A 101 17.17 -5.07 4.42
N ALA A 102 16.30 -5.56 3.50
CA ALA A 102 15.25 -4.74 2.93
C ALA A 102 14.01 -4.58 3.84
N PHE A 103 13.25 -3.50 3.62
CA PHE A 103 11.93 -3.33 4.21
C PHE A 103 11.00 -3.58 3.04
N ALA A 104 9.78 -4.07 3.30
CA ALA A 104 8.84 -4.40 2.23
C ALA A 104 7.46 -3.96 2.52
N PHE A 105 6.77 -3.42 1.50
CA PHE A 105 5.37 -3.06 1.65
C PHE A 105 4.68 -3.04 0.30
N ASP A 106 3.35 -3.18 0.32
CA ASP A 106 2.53 -3.11 -0.87
C ASP A 106 1.91 -1.72 -0.92
N LEU A 107 1.64 -1.22 -2.13
CA LEU A 107 1.01 0.09 -2.34
C LEU A 107 -0.25 -0.19 -3.14
N THR A 108 -1.40 0.37 -2.73
CA THR A 108 -2.70 0.13 -3.40
C THR A 108 -3.14 1.39 -4.11
N ALA A 109 -3.08 1.37 -5.46
CA ALA A 109 -3.50 2.48 -6.31
C ALA A 109 -3.91 1.94 -7.68
N ALA A 110 -4.44 0.72 -7.68
CA ALA A 110 -4.94 0.03 -8.88
C ALA A 110 -4.03 0.13 -10.10
N CYS A 111 -4.53 0.61 -11.20
CA CYS A 111 -3.78 0.67 -12.47
C CYS A 111 -2.69 1.73 -12.49
N SER A 112 -2.70 2.66 -11.50
CA SER A 112 -1.66 3.68 -11.35
C SER A 112 -0.59 3.24 -10.34
N GLY A 113 -0.80 2.07 -9.76
CA GLY A 113 0.06 1.50 -8.71
C GLY A 113 1.55 1.47 -9.02
N PHE A 114 1.93 1.04 -10.23
CA PHE A 114 3.37 0.98 -10.55
C PHE A 114 3.98 2.37 -10.57
N VAL A 115 3.27 3.34 -11.18
CA VAL A 115 3.78 4.70 -11.26
C VAL A 115 3.88 5.33 -9.86
N PHE A 116 2.82 5.14 -9.01
CA PHE A 116 2.80 5.68 -7.63
C PHE A 116 3.94 5.05 -6.84
N ALA A 117 4.16 3.72 -7.01
CA ALA A 117 5.22 3.00 -6.30
C ALA A 117 6.62 3.42 -6.77
N LEU A 118 6.78 3.72 -8.07
CA LEU A 118 8.05 4.17 -8.65
C LEU A 118 8.39 5.57 -8.14
N SER A 119 7.39 6.46 -8.04
CA SER A 119 7.53 7.81 -7.48
C SER A 119 7.94 7.70 -6.00
N THR A 120 7.27 6.81 -5.25
CA THR A 120 7.54 6.58 -3.82
C THR A 120 8.95 6.09 -3.64
N ALA A 121 9.34 5.09 -4.45
CA ALA A 121 10.68 4.48 -4.38
C ALA A 121 11.76 5.50 -4.65
N GLU A 122 11.49 6.40 -5.60
CA GLU A 122 12.39 7.48 -5.96
C GLU A 122 12.62 8.44 -4.77
N LYS A 123 11.57 8.71 -3.96
CA LYS A 123 11.67 9.56 -2.77
C LYS A 123 12.55 8.91 -1.70
N PHE A 124 12.51 7.57 -1.60
CA PHE A 124 13.33 6.83 -0.64
C PHE A 124 14.81 6.88 -1.06
N ILE A 125 15.08 6.73 -2.37
CA ILE A 125 16.46 6.79 -2.86
C ILE A 125 16.97 8.24 -2.72
N ALA A 126 16.11 9.25 -3.03
CA ALA A 126 16.43 10.67 -2.91
C ALA A 126 16.94 11.08 -1.54
N SER A 127 16.51 10.36 -0.47
CA SER A 127 16.94 10.58 0.92
C SER A 127 18.43 10.29 1.13
N GLY A 128 19.03 9.46 0.28
CA GLY A 128 20.44 9.10 0.37
C GLY A 128 20.75 8.00 1.37
N ARG A 129 19.71 7.43 1.99
CA ARG A 129 19.85 6.33 2.95
C ARG A 129 19.85 5.01 2.20
N PHE A 130 19.18 4.98 1.03
CA PHE A 130 19.02 3.76 0.23
C PHE A 130 19.68 3.86 -1.14
N GLN A 131 20.30 2.74 -1.58
CA GLN A 131 21.05 2.61 -2.83
C GLN A 131 20.38 1.78 -3.91
N LYS A 132 19.63 0.74 -3.54
CA LYS A 132 19.01 -0.23 -4.47
C LYS A 132 17.67 -0.69 -3.91
N GLY A 133 16.68 -0.85 -4.79
CA GLY A 133 15.39 -1.41 -4.42
C GLY A 133 14.59 -1.90 -5.61
N LEU A 134 13.62 -2.78 -5.34
CA LEU A 134 12.73 -3.29 -6.38
C LEU A 134 11.39 -2.60 -6.33
N VAL A 135 10.88 -2.25 -7.50
CA VAL A 135 9.54 -1.66 -7.66
C VAL A 135 8.86 -2.60 -8.65
N ILE A 136 7.84 -3.33 -8.19
CA ILE A 136 7.15 -4.34 -8.98
C ILE A 136 5.65 -4.11 -8.97
N GLY A 137 5.05 -4.23 -10.14
CA GLY A 137 3.61 -4.24 -10.31
C GLY A 137 3.30 -5.69 -10.62
N SER A 138 2.41 -6.32 -9.87
CA SER A 138 2.06 -7.74 -10.07
C SER A 138 0.57 -7.95 -9.81
N GLU A 139 -0.10 -8.73 -10.68
CA GLU A 139 -1.54 -8.99 -10.51
C GLU A 139 -1.92 -10.38 -10.92
N THR A 140 -2.96 -10.92 -10.27
CA THR A 140 -3.64 -12.13 -10.71
C THR A 140 -5.10 -11.70 -10.84
N LEU A 141 -5.36 -10.81 -11.82
CA LEU A 141 -6.71 -10.31 -12.10
C LEU A 141 -7.73 -11.44 -12.43
N SER A 142 -7.23 -12.62 -12.85
CA SER A 142 -8.08 -13.79 -13.13
C SER A 142 -8.94 -14.13 -11.91
N LYS A 143 -8.38 -14.00 -10.68
CA LYS A 143 -9.10 -14.27 -9.43
C LYS A 143 -10.09 -13.16 -9.01
N ALA A 144 -10.02 -11.97 -9.68
CA ALA A 144 -10.85 -10.81 -9.43
C ALA A 144 -12.05 -10.70 -10.35
N VAL A 145 -11.91 -11.14 -11.61
CA VAL A 145 -12.96 -10.92 -12.60
C VAL A 145 -14.17 -11.85 -12.41
N ASP A 146 -15.33 -11.37 -12.89
CA ASP A 146 -16.59 -12.09 -12.92
C ASP A 146 -16.56 -12.81 -14.26
N TRP A 147 -16.20 -14.12 -14.23
CA TRP A 147 -16.10 -14.94 -15.44
C TRP A 147 -17.44 -15.18 -16.14
N SER A 148 -18.56 -14.86 -15.46
CA SER A 148 -19.90 -14.95 -16.04
C SER A 148 -20.27 -13.63 -16.78
N ASP A 149 -19.39 -12.61 -16.70
CA ASP A 149 -19.63 -11.32 -17.36
C ASP A 149 -18.70 -11.15 -18.56
N ARG A 150 -19.22 -11.43 -19.77
CA ARG A 150 -18.45 -11.33 -21.02
C ARG A 150 -17.88 -9.93 -21.30
N SER A 151 -18.52 -8.86 -20.79
CA SER A 151 -18.07 -7.48 -21.01
C SER A 151 -16.77 -7.12 -20.29
N THR A 152 -16.44 -7.82 -19.19
CA THR A 152 -15.23 -7.51 -18.41
C THR A 152 -14.22 -8.66 -18.34
N ALA A 153 -14.71 -9.91 -18.24
CA ALA A 153 -13.86 -11.11 -18.10
C ALA A 153 -12.79 -11.24 -19.18
N VAL A 154 -13.06 -10.76 -20.40
CA VAL A 154 -12.15 -10.83 -21.56
C VAL A 154 -11.06 -9.74 -21.55
N LEU A 155 -11.21 -8.75 -20.67
CA LEU A 155 -10.31 -7.59 -20.62
C LEU A 155 -9.04 -7.74 -19.84
N PHE A 156 -9.05 -8.56 -18.80
CA PHE A 156 -7.95 -8.66 -17.85
C PHE A 156 -7.15 -9.95 -17.91
N GLY A 157 -5.86 -9.83 -17.59
CA GLY A 157 -4.92 -10.94 -17.55
C GLY A 157 -4.01 -10.90 -16.35
N ASP A 158 -3.13 -11.90 -16.25
CA ASP A 158 -2.21 -11.99 -15.11
C ASP A 158 -0.77 -11.74 -15.53
N GLY A 159 0.02 -11.24 -14.61
CA GLY A 159 1.43 -10.98 -14.90
C GLY A 159 2.07 -10.03 -13.91
N ALA A 160 3.40 -9.95 -14.01
CA ALA A 160 4.19 -9.06 -13.17
C ALA A 160 5.31 -8.47 -13.97
N GLY A 161 5.64 -7.23 -13.66
CA GLY A 161 6.74 -6.53 -14.29
C GLY A 161 7.34 -5.65 -13.23
N GLY A 162 8.62 -5.36 -13.36
CA GLY A 162 9.25 -4.51 -12.38
C GLY A 162 10.58 -3.99 -12.80
N VAL A 163 11.15 -3.15 -11.95
CA VAL A 163 12.46 -2.52 -12.18
C VAL A 163 13.34 -2.59 -10.96
N LEU A 164 14.65 -2.48 -11.19
CA LEU A 164 15.64 -2.29 -10.15
C LEU A 164 15.93 -0.79 -10.20
N LEU A 165 15.68 -0.09 -9.09
CA LEU A 165 15.91 1.34 -8.98
C LEU A 165 17.15 1.52 -8.11
N GLU A 166 18.15 2.23 -8.64
CA GLU A 166 19.44 2.42 -7.97
C GLU A 166 19.80 3.87 -7.81
N ALA A 167 20.68 4.18 -6.85
CA ALA A 167 21.20 5.53 -6.61
C ALA A 167 22.11 5.93 -7.78
N SER A 168 22.06 7.21 -8.15
CA SER A 168 22.86 7.79 -9.23
C SER A 168 23.25 9.22 -8.88
N GLU A 169 24.37 9.72 -9.43
CA GLU A 169 24.74 11.12 -9.19
C GLU A 169 24.12 12.02 -10.27
N GLN A 170 23.56 11.40 -11.34
CA GLN A 170 22.89 12.05 -12.47
C GLN A 170 21.37 11.97 -12.28
N GLU A 171 20.67 13.09 -12.53
CA GLU A 171 19.21 13.19 -12.42
C GLU A 171 18.54 12.39 -13.56
N HIS A 172 17.51 11.57 -13.24
CA HIS A 172 16.77 10.84 -14.27
C HIS A 172 15.28 11.18 -14.24
N PHE A 173 14.72 11.41 -13.06
CA PHE A 173 13.32 11.77 -12.87
C PHE A 173 13.12 13.25 -13.15
N LEU A 174 12.52 13.56 -14.29
CA LEU A 174 12.35 14.93 -14.75
C LEU A 174 11.05 15.59 -14.35
N ALA A 175 9.95 14.83 -14.21
CA ALA A 175 8.64 15.41 -13.89
C ALA A 175 7.70 14.35 -13.40
N GLU A 176 6.68 14.76 -12.62
CA GLU A 176 5.68 13.84 -12.11
C GLU A 176 4.37 14.54 -11.83
N SER A 177 3.26 13.81 -12.00
CA SER A 177 1.93 14.31 -11.68
C SER A 177 1.16 13.10 -11.19
N LEU A 178 0.92 13.04 -9.87
CA LEU A 178 0.17 11.95 -9.23
C LEU A 178 -1.17 12.52 -8.85
N ASN A 179 -2.25 11.82 -9.23
CA ASN A 179 -3.61 12.31 -9.07
C ASN A 179 -4.56 11.22 -8.68
N SER A 180 -5.67 11.62 -8.08
CA SER A 180 -6.75 10.74 -7.62
C SER A 180 -8.06 11.51 -7.63
N ASP A 181 -9.18 10.79 -7.81
CA ASP A 181 -10.54 11.33 -7.75
C ASP A 181 -11.48 10.21 -7.29
N GLY A 182 -11.53 10.00 -5.97
CA GLY A 182 -12.39 9.00 -5.35
C GLY A 182 -13.88 9.28 -5.50
N SER A 183 -14.24 10.52 -5.89
CA SER A 183 -15.63 10.90 -6.10
C SER A 183 -16.21 10.16 -7.32
N ARG A 184 -15.34 9.53 -8.14
CA ARG A 184 -15.73 8.76 -9.33
C ARG A 184 -15.34 7.29 -9.18
N SER A 185 -15.07 6.89 -7.94
CA SER A 185 -14.63 5.55 -7.56
C SER A 185 -15.53 4.40 -8.00
N GLU A 186 -16.86 4.58 -7.98
CA GLU A 186 -17.82 3.50 -8.28
C GLU A 186 -17.76 2.93 -9.71
N CYS A 187 -17.07 3.60 -10.64
CA CYS A 187 -16.98 3.15 -12.03
C CYS A 187 -15.94 2.02 -12.25
N LEU A 188 -15.12 1.70 -11.23
CA LEU A 188 -14.14 0.62 -11.31
C LEU A 188 -13.96 0.05 -9.92
N THR A 189 -14.60 -1.10 -9.64
CA THR A 189 -14.53 -1.64 -8.28
C THR A 189 -14.09 -3.09 -8.19
N TYR A 190 -13.43 -3.45 -7.08
CA TYR A 190 -13.01 -4.81 -6.80
C TYR A 190 -12.63 -4.99 -5.32
N GLY A 191 -12.98 -6.16 -4.79
CA GLY A 191 -12.54 -6.65 -3.47
C GLY A 191 -13.24 -6.13 -2.25
N HIS A 192 -14.50 -5.71 -2.38
CA HIS A 192 -15.31 -5.28 -1.24
C HIS A 192 -15.22 -6.32 -0.11
N SER A 193 -14.97 -5.85 1.10
CA SER A 193 -14.83 -6.69 2.28
C SER A 193 -15.71 -6.07 3.37
N GLY A 194 -16.90 -6.63 3.55
CA GLY A 194 -17.88 -6.11 4.50
C GLY A 194 -17.59 -6.47 5.94
N LEU A 195 -18.24 -5.78 6.87
CA LEU A 195 -18.10 -6.07 8.30
C LEU A 195 -18.68 -7.47 8.57
N HIS A 196 -18.05 -8.25 9.46
CA HIS A 196 -18.48 -9.60 9.78
C HIS A 196 -18.10 -9.90 11.24
N SER A 197 -19.04 -9.69 12.16
CA SER A 197 -18.81 -9.94 13.57
C SER A 197 -20.13 -10.17 14.31
N PRO A 198 -20.12 -10.81 15.50
CA PRO A 198 -21.38 -10.97 16.26
C PRO A 198 -21.95 -9.62 16.73
N PHE A 199 -21.20 -8.53 16.48
CA PHE A 199 -21.54 -7.16 16.89
C PHE A 199 -21.66 -6.23 15.67
N SER A 200 -21.70 -6.80 14.46
CA SER A 200 -21.76 -6.01 13.23
C SER A 200 -23.01 -6.28 12.42
N ASP A 201 -23.43 -5.24 11.68
CA ASP A 201 -24.58 -5.18 10.78
C ASP A 201 -24.01 -5.19 9.35
N GLN A 202 -24.25 -6.30 8.60
CA GLN A 202 -23.70 -6.48 7.26
C GLN A 202 -24.74 -6.85 6.21
N GLU A 203 -24.91 -5.95 5.21
CA GLU A 203 -25.85 -6.12 4.11
C GLU A 203 -25.29 -6.96 2.95
N SER A 204 -23.94 -7.04 2.84
CA SER A 204 -23.17 -7.73 1.78
C SER A 204 -23.24 -7.00 0.41
N ALA A 205 -22.18 -7.15 -0.41
CA ALA A 205 -22.02 -6.48 -1.70
C ALA A 205 -21.18 -7.31 -2.65
N ASP A 206 -21.26 -7.04 -3.96
CA ASP A 206 -20.51 -7.72 -5.01
C ASP A 206 -19.03 -7.36 -4.91
N SER A 207 -18.18 -8.37 -4.68
CA SER A 207 -16.72 -8.22 -4.53
C SER A 207 -15.93 -8.41 -5.82
N PHE A 208 -16.54 -9.05 -6.86
CA PHE A 208 -15.88 -9.27 -8.15
C PHE A 208 -15.67 -7.94 -8.88
N LEU A 209 -14.70 -7.89 -9.80
CA LEU A 209 -14.40 -6.67 -10.57
C LEU A 209 -15.60 -6.23 -11.40
N LYS A 210 -15.95 -4.95 -11.24
CA LYS A 210 -17.05 -4.29 -11.94
C LYS A 210 -16.53 -3.02 -12.56
N MET A 211 -17.02 -2.69 -13.76
CA MET A 211 -16.59 -1.48 -14.45
C MET A 211 -17.70 -0.85 -15.31
N ASP A 212 -17.78 0.50 -15.25
CA ASP A 212 -18.64 1.31 -16.10
C ASP A 212 -17.66 1.72 -17.21
N GLY A 213 -17.57 0.86 -18.23
CA GLY A 213 -16.66 0.97 -19.37
C GLY A 213 -16.62 2.31 -20.09
N ARG A 214 -17.79 2.92 -20.34
CA ARG A 214 -17.77 4.19 -21.05
C ARG A 214 -17.26 5.35 -20.17
N THR A 215 -17.56 5.33 -18.84
CA THR A 215 -17.09 6.33 -17.88
C THR A 215 -15.55 6.29 -17.80
N VAL A 216 -14.96 5.09 -17.71
CA VAL A 216 -13.51 4.92 -17.64
C VAL A 216 -12.86 5.30 -18.99
N PHE A 217 -13.49 4.89 -20.11
CA PHE A 217 -13.02 5.19 -21.46
C PHE A 217 -12.90 6.72 -21.62
N ASP A 218 -13.97 7.47 -21.24
CA ASP A 218 -14.08 8.93 -21.29
C ASP A 218 -13.10 9.63 -20.35
N PHE A 219 -12.81 9.02 -19.19
CA PHE A 219 -11.86 9.52 -18.19
C PHE A 219 -10.45 9.51 -18.78
N ALA A 220 -10.09 8.40 -19.46
CA ALA A 220 -8.79 8.19 -20.09
C ALA A 220 -8.57 9.17 -21.26
N ILE A 221 -9.61 9.31 -22.09
CA ILE A 221 -9.62 10.13 -23.29
C ILE A 221 -9.64 11.64 -23.00
N ARG A 222 -10.29 12.07 -21.90
CA ARG A 222 -10.40 13.48 -21.53
C ARG A 222 -9.42 13.83 -20.41
N ASP A 223 -9.74 13.42 -19.16
CA ASP A 223 -8.97 13.74 -17.96
C ASP A 223 -7.50 13.33 -18.00
N VAL A 224 -7.21 12.07 -18.34
CA VAL A 224 -5.83 11.55 -18.34
C VAL A 224 -5.00 12.15 -19.47
N ALA A 225 -5.54 12.16 -20.71
CA ALA A 225 -4.86 12.72 -21.88
C ALA A 225 -4.45 14.16 -21.61
N LYS A 226 -5.36 14.96 -21.00
CA LYS A 226 -5.11 16.36 -20.66
C LYS A 226 -3.99 16.47 -19.62
N SER A 227 -4.03 15.62 -18.59
CA SER A 227 -3.04 15.56 -17.51
C SER A 227 -1.64 15.23 -18.03
N ILE A 228 -1.53 14.29 -18.99
CA ILE A 228 -0.25 13.92 -19.64
C ILE A 228 0.32 15.13 -20.38
N LYS A 229 -0.53 15.78 -21.17
CA LYS A 229 -0.18 16.95 -21.95
C LYS A 229 0.29 18.09 -21.03
N GLN A 230 -0.39 18.27 -19.87
CA GLN A 230 -0.02 19.30 -18.90
C GLN A 230 1.31 18.96 -18.19
N THR A 231 1.56 17.66 -17.95
CA THR A 231 2.81 17.18 -17.32
C THR A 231 3.99 17.53 -18.22
N ILE A 232 3.88 17.17 -19.54
CA ILE A 232 4.90 17.50 -20.53
C ILE A 232 5.11 19.02 -20.56
N ASP A 233 4.01 19.81 -20.61
CA ASP A 233 4.09 21.27 -20.69
C ASP A 233 4.87 21.88 -19.55
N GLU A 234 4.60 21.43 -18.33
CA GLU A 234 5.25 21.90 -17.11
C GLU A 234 6.65 21.33 -16.91
N SER A 235 6.98 20.19 -17.56
CA SER A 235 8.29 19.55 -17.47
C SER A 235 9.38 20.37 -18.21
N PRO A 236 10.69 20.12 -17.97
CA PRO A 236 11.73 20.86 -18.72
C PRO A 236 11.90 20.39 -20.18
N ILE A 237 11.11 19.41 -20.62
CA ILE A 237 11.17 18.87 -21.99
C ILE A 237 9.91 19.22 -22.80
N GLU A 238 9.96 18.99 -24.10
CA GLU A 238 8.81 19.19 -25.00
C GLU A 238 8.36 17.84 -25.55
N VAL A 239 7.12 17.78 -26.08
CA VAL A 239 6.50 16.57 -26.65
C VAL A 239 7.40 15.81 -27.62
N THR A 240 8.15 16.56 -28.45
CA THR A 240 9.07 16.05 -29.49
C THR A 240 10.34 15.41 -28.88
N ASP A 241 10.67 15.74 -27.61
CA ASP A 241 11.83 15.15 -26.93
C ASP A 241 11.57 13.72 -26.47
N LEU A 242 10.28 13.35 -26.36
CA LEU A 242 9.90 12.02 -25.91
C LEU A 242 10.12 10.94 -26.95
N ASP A 243 10.89 9.92 -26.56
CA ASP A 243 11.18 8.77 -27.41
C ASP A 243 9.96 7.85 -27.41
N TYR A 244 9.41 7.58 -26.22
CA TYR A 244 8.23 6.73 -26.06
C TYR A 244 7.33 7.22 -24.93
N LEU A 245 6.03 6.92 -25.06
CA LEU A 245 5.01 7.18 -24.06
C LEU A 245 4.41 5.82 -23.72
N LEU A 246 4.81 5.25 -22.57
CA LEU A 246 4.38 3.93 -22.11
C LEU A 246 3.16 4.09 -21.21
N LEU A 247 2.00 3.80 -21.78
CA LEU A 247 0.73 3.99 -21.11
C LEU A 247 0.12 2.69 -20.66
N HIS A 248 -0.81 2.78 -19.69
CA HIS A 248 -1.56 1.63 -19.19
C HIS A 248 -2.19 0.92 -20.41
N GLN A 249 -2.02 -0.40 -20.48
CA GLN A 249 -2.43 -1.25 -21.61
C GLN A 249 -3.84 -1.80 -21.42
N ALA A 250 -4.85 -0.94 -21.55
CA ALA A 250 -6.23 -1.36 -21.33
C ALA A 250 -6.99 -1.57 -22.62
N ASN A 251 -6.74 -0.70 -23.62
CA ASN A 251 -7.47 -0.71 -24.87
C ASN A 251 -6.64 -0.03 -25.98
N ASP A 252 -6.46 -0.72 -27.14
CA ASP A 252 -5.66 -0.16 -28.22
C ASP A 252 -6.26 1.08 -28.86
N ARG A 253 -7.60 1.14 -28.96
CA ARG A 253 -8.36 2.29 -29.51
C ARG A 253 -8.14 3.53 -28.63
N ILE A 254 -8.05 3.32 -27.29
CA ILE A 254 -7.78 4.37 -26.31
C ILE A 254 -6.39 4.97 -26.58
N LEU A 255 -5.39 4.10 -26.85
CA LEU A 255 -4.01 4.49 -27.17
C LEU A 255 -3.96 5.37 -28.42
N ASP A 256 -4.72 5.03 -29.48
CA ASP A 256 -4.83 5.81 -30.71
C ASP A 256 -5.41 7.18 -30.39
N LYS A 257 -6.51 7.20 -29.63
CA LYS A 257 -7.24 8.42 -29.24
C LYS A 257 -6.46 9.36 -28.33
N MET A 258 -5.79 8.87 -27.27
CA MET A 258 -5.05 9.82 -26.44
C MET A 258 -3.74 10.23 -27.14
N ALA A 259 -3.17 9.39 -28.04
CA ALA A 259 -2.00 9.81 -28.84
C ALA A 259 -2.37 11.04 -29.70
N ARG A 260 -3.59 11.05 -30.29
CA ARG A 260 -4.11 12.17 -31.08
C ARG A 260 -4.35 13.40 -30.18
N LYS A 261 -4.98 13.19 -29.01
CA LYS A 261 -5.29 14.22 -28.01
C LYS A 261 -4.01 14.88 -27.47
N ILE A 262 -2.98 14.06 -27.16
CA ILE A 262 -1.66 14.51 -26.66
C ILE A 262 -0.93 15.25 -27.80
N GLY A 263 -1.11 14.75 -29.02
CA GLY A 263 -0.54 15.30 -30.24
C GLY A 263 0.79 14.69 -30.60
N VAL A 264 0.89 13.37 -30.45
CA VAL A 264 2.08 12.58 -30.74
C VAL A 264 1.66 11.45 -31.68
N ASP A 265 2.58 11.01 -32.58
CA ASP A 265 2.28 9.91 -33.48
C ASP A 265 2.19 8.60 -32.71
N ARG A 266 1.29 7.72 -33.15
CA ARG A 266 0.97 6.43 -32.53
C ARG A 266 2.19 5.50 -32.40
N ALA A 267 3.21 5.63 -33.31
CA ALA A 267 4.45 4.85 -33.27
C ALA A 267 5.22 5.03 -31.94
N LYS A 268 5.02 6.17 -31.26
CA LYS A 268 5.66 6.51 -29.98
C LYS A 268 4.92 5.90 -28.78
N LEU A 269 3.72 5.33 -28.99
CA LEU A 269 2.94 4.67 -27.92
C LEU A 269 2.93 3.16 -28.19
N PRO A 270 3.94 2.41 -27.72
CA PRO A 270 3.93 0.95 -27.95
C PRO A 270 2.77 0.25 -27.22
N ALA A 271 2.37 -0.94 -27.72
CA ALA A 271 1.28 -1.73 -27.17
C ALA A 271 1.60 -3.21 -27.10
N ASN A 272 1.08 -3.88 -26.06
CA ASN A 272 1.24 -5.32 -25.89
C ASN A 272 0.04 -5.97 -25.18
N MET A 273 -1.13 -5.27 -25.14
CA MET A 273 -2.35 -5.86 -24.59
C MET A 273 -2.79 -7.01 -25.53
N MET A 274 -2.26 -7.04 -26.78
CA MET A 274 -2.49 -8.11 -27.77
C MET A 274 -2.09 -9.48 -27.20
N GLU A 275 -0.95 -9.51 -26.48
CA GLU A 275 -0.39 -10.71 -25.85
C GLU A 275 -0.82 -10.92 -24.38
N TYR A 276 -0.98 -9.83 -23.63
CA TYR A 276 -1.18 -9.89 -22.18
C TYR A 276 -2.53 -9.48 -21.62
N GLY A 277 -3.37 -8.85 -22.45
CA GLY A 277 -4.58 -8.21 -21.97
C GLY A 277 -4.17 -7.06 -21.08
N ASN A 278 -5.08 -6.60 -20.22
CA ASN A 278 -4.86 -5.54 -19.24
C ASN A 278 -4.43 -6.20 -17.92
N THR A 279 -3.18 -5.94 -17.47
CA THR A 279 -2.65 -6.49 -16.21
C THR A 279 -2.58 -5.43 -15.07
N SER A 280 -3.44 -4.41 -15.11
CA SER A 280 -3.51 -3.32 -14.11
C SER A 280 -2.10 -2.76 -13.77
N ALA A 281 -1.65 -2.81 -12.48
CA ALA A 281 -0.34 -2.27 -12.08
C ALA A 281 0.86 -2.87 -12.82
N ALA A 282 0.73 -4.12 -13.31
CA ALA A 282 1.82 -4.74 -14.04
C ALA A 282 1.94 -4.29 -15.49
N SER A 283 0.95 -3.57 -16.05
CA SER A 283 0.90 -3.27 -17.49
C SER A 283 2.08 -2.44 -18.00
N ILE A 284 2.40 -1.33 -17.32
CA ILE A 284 3.52 -0.50 -17.78
C ILE A 284 4.86 -1.23 -17.65
N PRO A 285 5.24 -1.83 -16.49
CA PRO A 285 6.56 -2.49 -16.43
C PRO A 285 6.71 -3.73 -17.32
N ILE A 286 5.61 -4.44 -17.67
CA ILE A 286 5.69 -5.56 -18.63
C ILE A 286 6.02 -4.94 -20.00
N LEU A 287 5.31 -3.85 -20.36
CA LEU A 287 5.55 -3.16 -21.62
C LEU A 287 6.99 -2.61 -21.70
N LEU A 288 7.48 -1.99 -20.59
CA LEU A 288 8.84 -1.47 -20.54
C LEU A 288 9.86 -2.59 -20.70
N SER A 289 9.66 -3.71 -20.00
CA SER A 289 10.54 -4.89 -20.08
C SER A 289 10.68 -5.44 -21.49
N GLU A 290 9.57 -5.49 -22.26
CA GLU A 290 9.58 -5.97 -23.64
C GLU A 290 10.29 -4.96 -24.54
N CYS A 291 10.11 -3.65 -24.28
CA CYS A 291 10.77 -2.57 -25.03
C CYS A 291 12.29 -2.71 -24.90
N VAL A 292 12.77 -3.08 -23.69
CA VAL A 292 14.20 -3.29 -23.44
C VAL A 292 14.68 -4.58 -24.14
N GLU A 293 13.93 -5.68 -23.97
CA GLU A 293 14.16 -6.99 -24.58
C GLU A 293 14.34 -6.90 -26.10
N GLN A 294 13.55 -6.03 -26.75
CA GLN A 294 13.54 -5.81 -28.20
C GLN A 294 14.51 -4.72 -28.67
N GLY A 295 15.34 -4.21 -27.75
CA GLY A 295 16.33 -3.17 -28.04
C GLY A 295 15.80 -1.78 -28.31
N LEU A 296 14.49 -1.55 -28.12
CA LEU A 296 13.82 -0.25 -28.29
C LEU A 296 14.35 0.75 -27.27
N ILE A 297 14.55 0.26 -26.03
CA ILE A 297 15.06 1.03 -24.89
C ILE A 297 16.34 0.34 -24.34
N PRO A 298 17.55 0.90 -24.60
CA PRO A 298 18.78 0.23 -24.12
C PRO A 298 19.07 0.31 -22.62
N LEU A 299 18.40 1.21 -21.87
CA LEU A 299 18.63 1.48 -20.44
C LEU A 299 20.02 2.09 -20.24
N ASP A 300 20.47 2.95 -21.18
CA ASP A 300 21.79 3.59 -21.13
C ASP A 300 21.75 5.11 -20.91
N GLY A 301 20.59 5.62 -20.48
CA GLY A 301 20.39 7.05 -20.23
C GLY A 301 20.26 7.92 -21.47
N SER A 302 20.20 7.30 -22.67
CA SER A 302 20.13 8.00 -23.95
C SER A 302 18.73 8.47 -24.34
N GLN A 303 17.70 7.99 -23.64
CA GLN A 303 16.32 8.30 -23.98
C GLN A 303 15.52 9.04 -22.90
N THR A 304 14.43 9.69 -23.34
CA THR A 304 13.45 10.41 -22.51
C THR A 304 12.13 9.70 -22.76
N VAL A 305 11.58 9.11 -21.70
CA VAL A 305 10.35 8.33 -21.78
C VAL A 305 9.33 8.84 -20.76
N LEU A 306 8.04 8.72 -21.14
CA LEU A 306 6.93 9.10 -20.29
C LEU A 306 6.19 7.82 -19.92
N LEU A 307 5.81 7.69 -18.65
CA LEU A 307 5.05 6.58 -18.13
C LEU A 307 3.76 7.15 -17.64
N SER A 308 2.62 6.55 -18.01
CA SER A 308 1.33 7.01 -17.53
C SER A 308 0.35 5.87 -17.24
N GLY A 309 0.09 5.65 -15.97
CA GLY A 309 -0.84 4.63 -15.48
C GLY A 309 -2.13 5.31 -15.09
N PHE A 310 -3.27 4.66 -15.35
CA PHE A 310 -4.57 5.27 -15.05
C PHE A 310 -5.62 4.21 -14.87
N GLY A 311 -6.47 4.41 -13.87
CA GLY A 311 -7.52 3.45 -13.58
C GLY A 311 -8.23 3.68 -12.27
N GLY A 312 -8.51 2.56 -11.57
CA GLY A 312 -9.29 2.53 -10.34
C GLY A 312 -8.86 3.49 -9.24
N GLY A 313 -9.87 4.07 -8.62
CA GLY A 313 -9.68 5.02 -7.53
C GLY A 313 -10.69 6.14 -7.55
N LEU A 314 -10.78 6.96 -8.62
CA LEU A 314 -9.94 6.94 -9.81
C LEU A 314 -8.55 7.44 -9.52
N THR A 315 -7.54 6.86 -10.19
CA THR A 315 -6.16 7.30 -10.03
C THR A 315 -5.55 7.50 -11.41
N TRP A 316 -4.56 8.39 -11.50
CA TRP A 316 -3.75 8.60 -12.69
C TRP A 316 -2.43 9.22 -12.30
N GLY A 317 -1.35 8.65 -12.81
CA GLY A 317 -0.01 9.13 -12.50
C GLY A 317 0.85 9.16 -13.74
N THR A 318 1.61 10.24 -13.90
CA THR A 318 2.51 10.44 -15.04
C THR A 318 3.91 10.77 -14.58
N LEU A 319 4.89 10.07 -15.13
CA LEU A 319 6.29 10.28 -14.83
C LEU A 319 7.04 10.53 -16.13
N ILE A 320 7.95 11.49 -16.12
CA ILE A 320 8.82 11.75 -17.25
C ILE A 320 10.21 11.52 -16.72
N LEU A 321 10.94 10.65 -17.41
CA LEU A 321 12.28 10.29 -16.99
C LEU A 321 13.26 10.01 -18.11
N THR A 322 14.55 10.08 -17.77
CA THR A 322 15.68 9.72 -18.61
C THR A 322 15.89 8.24 -18.27
N ILE A 323 16.02 7.41 -19.30
CA ILE A 323 16.24 5.97 -19.15
C ILE A 323 17.32 5.51 -20.10
N ALA B 1 14.02 20.17 2.48
CA ALA B 1 12.67 20.23 3.05
C ALA B 1 12.49 19.25 4.18
N PHE B 2 11.72 19.67 5.16
CA PHE B 2 11.49 18.89 6.38
C PHE B 2 10.01 18.76 6.65
N ALA B 3 9.64 17.72 7.40
CA ALA B 3 8.27 17.44 7.74
C ALA B 3 8.08 17.45 9.24
N LYS B 4 6.86 17.82 9.68
CA LYS B 4 6.51 17.82 11.09
C LYS B 4 5.06 17.42 11.27
N ILE B 5 4.74 16.86 12.45
CA ILE B 5 3.39 16.49 12.82
C ILE B 5 2.77 17.78 13.42
N SER B 6 1.72 18.32 12.76
CA SER B 6 1.09 19.56 13.25
C SER B 6 -0.23 19.31 13.96
N GLN B 7 -0.94 18.21 13.61
CA GLN B 7 -2.20 17.82 14.25
C GLN B 7 -2.28 16.33 14.39
N VAL B 8 -3.02 15.85 15.39
CA VAL B 8 -3.24 14.43 15.65
C VAL B 8 -4.75 14.29 15.95
N ALA B 9 -5.33 13.14 15.62
CA ALA B 9 -6.74 12.88 15.89
C ALA B 9 -6.98 11.41 15.87
N HIS B 10 -8.08 10.98 16.49
CA HIS B 10 -8.46 9.58 16.52
C HIS B 10 -9.97 9.45 16.49
N TYR B 11 -10.44 8.31 16.01
CA TYR B 11 -11.86 7.99 16.01
C TYR B 11 -12.06 6.49 16.12
N VAL B 12 -12.94 6.10 17.04
CA VAL B 12 -13.32 4.71 17.25
C VAL B 12 -14.84 4.60 17.09
N PRO B 13 -15.39 3.48 16.57
CA PRO B 13 -16.86 3.35 16.55
C PRO B 13 -17.38 3.41 17.99
N GLU B 14 -18.58 3.97 18.20
CA GLU B 14 -19.14 4.13 19.55
C GLU B 14 -19.33 2.81 20.31
N GLN B 15 -19.70 1.73 19.61
CA GLN B 15 -19.95 0.42 20.23
C GLN B 15 -18.73 -0.11 20.97
N VAL B 16 -18.91 -0.37 22.27
CA VAL B 16 -17.86 -0.90 23.14
C VAL B 16 -18.20 -2.37 23.44
N VAL B 17 -17.22 -3.27 23.27
CA VAL B 17 -17.38 -4.67 23.60
C VAL B 17 -16.40 -5.00 24.75
N THR B 18 -16.94 -5.20 25.96
CA THR B 18 -16.09 -5.52 27.12
C THR B 18 -15.70 -6.99 27.09
N ASN B 19 -14.70 -7.38 27.90
CA ASN B 19 -14.28 -8.78 28.06
C ASN B 19 -15.42 -9.63 28.58
N HIS B 20 -16.31 -9.04 29.38
CA HIS B 20 -17.52 -9.66 29.92
C HIS B 20 -18.50 -10.02 28.80
N ASP B 21 -18.68 -9.10 27.80
CA ASP B 21 -19.54 -9.32 26.62
C ASP B 21 -19.01 -10.50 25.82
N LEU B 22 -17.66 -10.60 25.70
CA LEU B 22 -17.02 -11.70 24.98
C LEU B 22 -17.21 -13.04 25.68
N ALA B 23 -17.15 -13.06 27.03
CA ALA B 23 -17.38 -14.24 27.86
C ALA B 23 -18.76 -14.86 27.64
N GLN B 24 -19.70 -14.08 27.10
CA GLN B 24 -21.05 -14.51 26.80
C GLN B 24 -21.17 -15.29 25.46
N ILE B 25 -20.19 -15.14 24.52
CA ILE B 25 -20.19 -15.78 23.18
C ILE B 25 -19.02 -16.76 23.00
N MET B 26 -18.13 -16.84 23.99
CA MET B 26 -16.98 -17.73 23.94
C MET B 26 -16.49 -18.08 25.32
N ASP B 27 -15.67 -19.13 25.39
CA ASP B 27 -15.08 -19.66 26.62
C ASP B 27 -13.87 -18.85 27.06
N THR B 28 -14.14 -17.64 27.53
CA THR B 28 -13.11 -16.73 27.99
C THR B 28 -13.64 -15.97 29.20
N ASN B 29 -12.80 -15.15 29.85
CA ASN B 29 -13.21 -14.33 30.99
C ASN B 29 -12.34 -13.09 31.08
N ASP B 30 -12.82 -12.04 31.81
CA ASP B 30 -12.06 -10.79 31.96
C ASP B 30 -10.75 -11.02 32.70
N GLU B 31 -10.73 -11.85 33.77
CA GLU B 31 -9.49 -12.13 34.51
C GLU B 31 -8.36 -12.66 33.60
N TRP B 32 -8.64 -13.69 32.79
CA TRP B 32 -7.72 -14.30 31.84
C TRP B 32 -7.24 -13.31 30.77
N ILE B 33 -8.16 -12.56 30.12
CA ILE B 33 -7.79 -11.58 29.08
C ILE B 33 -6.93 -10.44 29.67
N SER B 34 -7.41 -9.77 30.74
CA SER B 34 -6.73 -8.66 31.38
C SER B 34 -5.32 -9.02 31.91
N SER B 35 -5.16 -10.20 32.53
CA SER B 35 -3.87 -10.62 33.09
C SER B 35 -2.83 -10.95 32.03
N ARG B 36 -3.26 -11.59 30.95
CA ARG B 36 -2.37 -12.02 29.87
C ARG B 36 -2.03 -10.92 28.88
N THR B 37 -2.96 -9.96 28.66
CA THR B 37 -2.78 -8.94 27.61
C THR B 37 -2.86 -7.47 28.05
N GLY B 38 -3.59 -7.20 29.13
CA GLY B 38 -3.86 -5.85 29.59
C GLY B 38 -5.17 -5.30 29.05
N ILE B 39 -5.79 -5.99 28.08
CA ILE B 39 -7.05 -5.56 27.44
C ILE B 39 -8.24 -5.81 28.37
N ARG B 40 -9.10 -4.78 28.52
CA ARG B 40 -10.30 -4.81 29.36
CA ARG B 40 -10.30 -4.82 29.36
C ARG B 40 -11.54 -4.72 28.49
N GLN B 41 -11.42 -4.01 27.37
CA GLN B 41 -12.50 -3.80 26.40
C GLN B 41 -11.87 -3.39 25.07
N ARG B 42 -12.69 -3.31 24.01
CA ARG B 42 -12.28 -2.88 22.69
C ARG B 42 -13.51 -2.31 21.97
N HIS B 43 -13.28 -1.47 20.96
CA HIS B 43 -14.38 -0.90 20.18
C HIS B 43 -14.59 -1.77 18.97
N ILE B 44 -15.86 -2.10 18.68
CA ILE B 44 -16.22 -2.95 17.54
C ILE B 44 -17.19 -2.18 16.69
N SER B 45 -16.86 -2.02 15.41
CA SER B 45 -17.72 -1.31 14.48
C SER B 45 -19.02 -2.07 14.21
N ARG B 46 -20.14 -1.33 14.26
CA ARG B 46 -21.45 -1.90 13.99
C ARG B 46 -21.83 -1.64 12.55
N THR B 47 -21.62 -0.41 12.04
CA THR B 47 -22.00 -0.01 10.68
C THR B 47 -20.90 0.71 9.90
N GLU B 48 -19.75 1.00 10.53
CA GLU B 48 -18.71 1.79 9.90
C GLU B 48 -17.57 0.99 9.32
N SER B 49 -17.18 1.34 8.10
CA SER B 49 -16.07 0.70 7.41
C SER B 49 -14.76 1.35 7.83
N THR B 50 -13.64 0.78 7.40
CA THR B 50 -12.30 1.32 7.65
C THR B 50 -12.21 2.76 7.10
N SER B 51 -12.73 3.02 5.87
CA SER B 51 -12.73 4.35 5.28
C SER B 51 -13.60 5.33 6.06
N ASP B 52 -14.72 4.83 6.66
CA ASP B 52 -15.60 5.66 7.49
C ASP B 52 -14.83 6.17 8.72
N LEU B 53 -14.12 5.27 9.43
CA LEU B 53 -13.34 5.62 10.61
C LEU B 53 -12.23 6.63 10.24
N ALA B 54 -11.53 6.36 9.13
CA ALA B 54 -10.46 7.23 8.61
C ALA B 54 -11.01 8.60 8.17
N THR B 55 -12.24 8.63 7.64
CA THR B 55 -12.89 9.90 7.23
C THR B 55 -13.10 10.81 8.46
N GLU B 56 -13.55 10.22 9.59
CA GLU B 56 -13.74 10.97 10.84
C GLU B 56 -12.42 11.58 11.33
N VAL B 57 -11.32 10.81 11.23
CA VAL B 57 -9.98 11.27 11.61
C VAL B 57 -9.56 12.46 10.71
N ALA B 58 -9.77 12.35 9.39
CA ALA B 58 -9.45 13.39 8.40
C ALA B 58 -10.19 14.69 8.70
N LYS B 59 -11.53 14.59 8.96
CA LYS B 59 -12.37 15.75 9.28
C LYS B 59 -11.89 16.47 10.55
N LYS B 60 -11.55 15.68 11.59
CA LYS B 60 -11.03 16.16 12.87
C LYS B 60 -9.67 16.88 12.69
N LEU B 61 -8.78 16.32 11.84
CA LEU B 61 -7.46 16.88 11.57
C LEU B 61 -7.56 18.24 10.87
N MET B 62 -8.42 18.33 9.86
CA MET B 62 -8.62 19.56 9.10
C MET B 62 -9.25 20.67 9.94
N ALA B 63 -10.18 20.29 10.83
CA ALA B 63 -10.87 21.23 11.74
C ALA B 63 -9.84 21.84 12.72
N LYS B 64 -8.96 21.01 13.27
CA LYS B 64 -7.90 21.44 14.20
C LYS B 64 -6.90 22.37 13.54
N ALA B 65 -6.53 22.07 12.27
CA ALA B 65 -5.61 22.89 11.47
C ALA B 65 -6.28 24.12 10.85
N GLY B 66 -7.61 24.15 10.85
CA GLY B 66 -8.39 25.23 10.25
C GLY B 66 -8.25 25.25 8.74
N ILE B 67 -8.17 24.05 8.13
CA ILE B 67 -8.01 23.88 6.69
C ILE B 67 -9.20 23.10 6.09
N THR B 68 -9.31 23.14 4.76
CA THR B 68 -10.34 22.43 4.00
C THR B 68 -9.65 21.35 3.17
N GLY B 69 -10.44 20.42 2.64
CA GLY B 69 -9.95 19.29 1.84
C GLY B 69 -9.06 19.67 0.68
N LYS B 70 -9.38 20.76 -0.03
CA LYS B 70 -8.65 21.26 -1.20
C LYS B 70 -7.18 21.61 -0.93
N GLU B 71 -6.84 21.88 0.32
CA GLU B 71 -5.49 22.28 0.74
C GLU B 71 -4.52 21.12 0.89
N LEU B 72 -5.05 19.87 0.91
CA LEU B 72 -4.20 18.68 1.08
C LEU B 72 -3.51 18.27 -0.20
N ASP B 73 -2.26 17.80 -0.10
CA ASP B 73 -1.49 17.33 -1.28
C ASP B 73 -1.53 15.80 -1.43
N PHE B 74 -1.74 15.10 -0.32
CA PHE B 74 -1.83 13.64 -0.33
C PHE B 74 -2.61 13.13 0.85
N ILE B 75 -3.05 11.86 0.73
CA ILE B 75 -3.67 11.07 1.80
C ILE B 75 -3.04 9.69 1.67
N ILE B 76 -2.29 9.26 2.69
CA ILE B 76 -1.69 7.92 2.71
C ILE B 76 -2.31 7.17 3.86
N LEU B 77 -2.94 6.04 3.55
CA LEU B 77 -3.66 5.27 4.53
C LEU B 77 -3.10 3.88 4.74
N ALA B 78 -2.81 3.53 6.00
CA ALA B 78 -2.28 2.21 6.34
C ALA B 78 -3.40 1.35 6.91
N THR B 79 -3.65 0.19 6.27
CA THR B 79 -4.68 -0.75 6.72
C THR B 79 -4.37 -2.14 6.17
N ILE B 80 -4.90 -3.16 6.85
CA ILE B 80 -4.88 -4.54 6.37
C ILE B 80 -6.36 -4.95 6.24
N THR B 81 -7.28 -4.01 6.52
CA THR B 81 -8.74 -4.29 6.46
C THR B 81 -9.43 -3.27 5.56
N PRO B 82 -8.94 -3.00 4.31
CA PRO B 82 -9.59 -1.98 3.49
C PRO B 82 -11.03 -2.31 3.15
N ASP B 83 -11.85 -1.28 2.89
CA ASP B 83 -13.24 -1.51 2.47
C ASP B 83 -13.24 -2.35 1.20
N SER B 84 -12.29 -2.04 0.28
CA SER B 84 -12.15 -2.69 -1.01
C SER B 84 -10.72 -2.52 -1.48
N MET B 85 -10.33 -3.29 -2.49
CA MET B 85 -9.00 -3.18 -3.07
C MET B 85 -9.03 -2.01 -4.04
N MET B 86 -10.15 -1.86 -4.72
CA MET B 86 -10.38 -0.82 -5.70
C MET B 86 -11.81 -0.29 -5.53
N PRO B 87 -12.00 1.02 -5.19
CA PRO B 87 -10.99 2.06 -4.95
C PRO B 87 -10.22 1.79 -3.65
N SER B 88 -9.03 2.41 -3.48
CA SER B 88 -8.29 2.26 -2.24
C SER B 88 -9.06 2.96 -1.11
N THR B 89 -8.75 2.63 0.15
CA THR B 89 -9.37 3.26 1.32
C THR B 89 -9.08 4.76 1.34
N ALA B 90 -7.84 5.15 0.97
CA ALA B 90 -7.42 6.55 0.92
C ALA B 90 -8.24 7.32 -0.12
N ALA B 91 -8.54 6.72 -1.29
CA ALA B 91 -9.35 7.37 -2.33
C ALA B 91 -10.81 7.62 -1.82
N ARG B 92 -11.30 6.72 -0.96
CA ARG B 92 -12.65 6.84 -0.37
C ARG B 92 -12.66 8.05 0.57
N VAL B 93 -11.63 8.19 1.42
CA VAL B 93 -11.47 9.31 2.36
C VAL B 93 -11.38 10.61 1.52
N GLN B 94 -10.53 10.60 0.46
CA GLN B 94 -10.38 11.74 -0.45
C GLN B 94 -11.75 12.24 -0.95
N ALA B 95 -12.62 11.32 -1.40
CA ALA B 95 -13.96 11.64 -1.89
C ALA B 95 -14.82 12.24 -0.76
N ASN B 96 -14.75 11.60 0.42
CA ASN B 96 -15.56 12.00 1.57
C ASN B 96 -15.27 13.40 2.09
N ILE B 97 -14.03 13.86 1.95
CA ILE B 97 -13.59 15.15 2.48
C ILE B 97 -13.35 16.21 1.38
N GLY B 98 -13.58 15.84 0.12
CA GLY B 98 -13.42 16.73 -1.02
C GLY B 98 -11.98 17.19 -1.22
N ALA B 99 -11.02 16.27 -1.08
CA ALA B 99 -9.60 16.56 -1.25
C ALA B 99 -9.25 16.44 -2.73
N ASN B 100 -9.83 17.32 -3.55
CA ASN B 100 -9.72 17.34 -5.02
C ASN B 100 -8.29 17.59 -5.57
N LYS B 101 -7.35 18.08 -4.75
CA LYS B 101 -6.00 18.39 -5.20
C LYS B 101 -4.98 17.33 -4.76
N ALA B 102 -5.41 16.37 -3.93
CA ALA B 102 -4.54 15.33 -3.38
C ALA B 102 -4.45 14.06 -4.22
N PHE B 103 -3.37 13.28 -4.05
CA PHE B 103 -3.28 11.94 -4.62
C PHE B 103 -3.51 11.04 -3.41
N ALA B 104 -4.06 9.84 -3.61
CA ALA B 104 -4.37 8.95 -2.49
C ALA B 104 -3.97 7.54 -2.75
N PHE B 105 -3.41 6.86 -1.72
CA PHE B 105 -3.10 5.44 -1.83
C PHE B 105 -3.04 4.81 -0.46
N ASP B 106 -3.21 3.50 -0.42
CA ASP B 106 -3.11 2.72 0.80
C ASP B 106 -1.75 2.06 0.81
N LEU B 107 -1.19 1.84 2.01
CA LEU B 107 0.09 1.18 2.20
C LEU B 107 -0.20 -0.05 3.07
N THR B 108 0.35 -1.22 2.69
CA THR B 108 0.09 -2.48 3.41
C THR B 108 1.37 -2.93 4.06
N ALA B 109 1.40 -2.82 5.40
CA ALA B 109 2.54 -3.24 6.22
C ALA B 109 2.04 -3.58 7.63
N ALA B 110 0.81 -4.12 7.68
CA ALA B 110 0.14 -4.54 8.92
C ALA B 110 0.32 -3.59 10.10
N CYS B 111 0.83 -4.07 11.20
CA CYS B 111 0.95 -3.29 12.44
C CYS B 111 2.04 -2.23 12.38
N SER B 112 2.92 -2.29 11.37
CA SER B 112 3.98 -1.27 11.14
C SER B 112 3.51 -0.22 10.12
N GLY B 113 2.31 -0.41 9.59
CA GLY B 113 1.74 0.43 8.55
C GLY B 113 1.75 1.92 8.80
N PHE B 114 1.36 2.36 10.02
CA PHE B 114 1.35 3.81 10.29
C PHE B 114 2.77 4.37 10.23
N VAL B 115 3.73 3.67 10.83
CA VAL B 115 5.12 4.14 10.84
C VAL B 115 5.70 4.15 9.40
N PHE B 116 5.45 3.08 8.60
CA PHE B 116 5.90 3.00 7.20
C PHE B 116 5.29 4.12 6.40
N ALA B 117 3.97 4.37 6.61
CA ALA B 117 3.25 5.44 5.88
C ALA B 117 3.75 6.84 6.27
N LEU B 118 4.12 7.03 7.56
CA LEU B 118 4.62 8.32 8.06
C LEU B 118 6.00 8.59 7.46
N SER B 119 6.85 7.55 7.38
CA SER B 119 8.17 7.63 6.76
C SER B 119 8.01 7.96 5.25
N THR B 120 7.05 7.30 4.58
CA THR B 120 6.79 7.50 3.14
C THR B 120 6.36 8.94 2.91
N ALA B 121 5.38 9.40 3.72
CA ALA B 121 4.84 10.76 3.64
C ALA B 121 5.94 11.80 3.80
N GLU B 122 6.87 11.52 4.72
CA GLU B 122 8.01 12.40 5.00
C GLU B 122 8.92 12.53 3.77
N LYS B 123 9.12 11.43 3.00
CA LYS B 123 9.92 11.45 1.78
C LYS B 123 9.29 12.32 0.70
N PHE B 124 7.94 12.35 0.66
CA PHE B 124 7.21 13.19 -0.32
C PHE B 124 7.37 14.66 0.09
N ILE B 125 7.34 14.95 1.40
CA ILE B 125 7.49 16.32 1.91
C ILE B 125 8.93 16.79 1.74
N ALA B 126 9.90 15.86 1.89
CA ALA B 126 11.34 16.12 1.73
C ALA B 126 11.71 16.58 0.31
N SER B 127 10.90 16.20 -0.71
CA SER B 127 11.07 16.60 -2.10
C SER B 127 10.80 18.12 -2.28
N GLY B 128 10.01 18.69 -1.36
CA GLY B 128 9.63 20.11 -1.36
C GLY B 128 8.51 20.46 -2.34
N ARG B 129 7.88 19.44 -2.95
CA ARG B 129 6.82 19.62 -3.94
C ARG B 129 5.45 19.24 -3.38
N PHE B 130 5.43 18.86 -2.10
CA PHE B 130 4.21 18.45 -1.40
C PHE B 130 4.30 19.12 -0.04
N GLN B 131 3.29 19.92 0.32
CA GLN B 131 3.36 20.71 1.54
C GLN B 131 2.61 20.17 2.75
N LYS B 132 1.48 19.50 2.52
CA LYS B 132 0.59 19.02 3.57
C LYS B 132 -0.03 17.71 3.13
N GLY B 133 -0.30 16.87 4.09
CA GLY B 133 -0.96 15.62 3.82
C GLY B 133 -1.39 14.86 5.05
N LEU B 134 -2.32 13.93 4.86
CA LEU B 134 -2.80 13.08 5.93
C LEU B 134 -2.15 11.73 5.91
N VAL B 135 -1.78 11.24 7.11
CA VAL B 135 -1.21 9.91 7.29
C VAL B 135 -2.12 9.27 8.33
N ILE B 136 -2.90 8.27 7.93
CA ILE B 136 -3.90 7.64 8.79
C ILE B 136 -3.72 6.14 8.83
N GLY B 137 -3.78 5.59 10.03
CA GLY B 137 -3.83 4.15 10.27
C GLY B 137 -5.28 3.90 10.65
N SER B 138 -5.96 2.99 9.95
CA SER B 138 -7.37 2.68 10.23
C SER B 138 -7.62 1.20 10.03
N GLU B 139 -8.40 0.57 10.94
CA GLU B 139 -8.70 -0.87 10.82
C GLU B 139 -10.08 -1.19 11.32
N THR B 140 -10.66 -2.24 10.73
CA THR B 140 -11.87 -2.87 11.25
C THR B 140 -11.49 -4.33 11.40
N LEU B 141 -10.56 -4.61 12.35
CA LEU B 141 -10.09 -5.97 12.63
C LEU B 141 -11.23 -6.93 13.03
N SER B 142 -12.37 -6.39 13.52
CA SER B 142 -13.54 -7.19 13.86
C SER B 142 -13.97 -8.07 12.67
N LYS B 143 -13.88 -7.55 11.42
CA LYS B 143 -14.23 -8.29 10.21
C LYS B 143 -13.17 -9.33 9.78
N ALA B 144 -11.96 -9.27 10.39
CA ALA B 144 -10.81 -10.13 10.10
C ALA B 144 -10.69 -11.32 11.06
N VAL B 145 -11.08 -11.13 12.32
CA VAL B 145 -10.86 -12.17 13.32
C VAL B 145 -11.85 -13.35 13.21
N ASP B 146 -11.40 -14.50 13.67
CA ASP B 146 -12.19 -15.72 13.73
C ASP B 146 -12.84 -15.66 15.12
N TRP B 147 -14.11 -15.27 15.16
CA TRP B 147 -14.87 -15.12 16.41
C TRP B 147 -15.10 -16.45 17.15
N SER B 148 -14.85 -17.58 16.48
CA SER B 148 -14.93 -18.92 17.08
C SER B 148 -13.57 -19.31 17.73
N ASP B 149 -12.53 -18.46 17.57
CA ASP B 149 -11.20 -18.71 18.14
C ASP B 149 -10.93 -17.78 19.31
N ARG B 150 -11.13 -18.28 20.54
CA ARG B 150 -10.94 -17.50 21.77
C ARG B 150 -9.51 -16.96 21.95
N SER B 151 -8.49 -17.63 21.38
CA SER B 151 -7.08 -17.21 21.50
C SER B 151 -6.75 -15.92 20.76
N THR B 152 -7.51 -15.58 19.70
CA THR B 152 -7.23 -14.39 18.90
C THR B 152 -8.34 -13.36 18.89
N ALA B 153 -9.61 -13.82 18.87
CA ALA B 153 -10.80 -12.95 18.80
C ALA B 153 -10.84 -11.85 19.88
N VAL B 154 -10.28 -12.12 21.07
CA VAL B 154 -10.25 -11.21 22.21
C VAL B 154 -9.12 -10.14 22.10
N LEU B 155 -8.19 -10.33 21.17
CA LEU B 155 -7.02 -9.46 21.05
C LEU B 155 -7.18 -8.19 20.26
N PHE B 156 -8.06 -8.21 19.27
CA PHE B 156 -8.17 -7.12 18.31
C PHE B 156 -9.42 -6.28 18.40
N GLY B 157 -9.28 -5.01 18.07
CA GLY B 157 -10.35 -4.02 18.06
C GLY B 157 -10.36 -3.14 16.83
N ASP B 158 -11.35 -2.22 16.74
CA ASP B 158 -11.47 -1.33 15.59
C ASP B 158 -11.17 0.12 15.96
N GLY B 159 -10.69 0.88 14.99
CA GLY B 159 -10.39 2.29 15.22
C GLY B 159 -9.49 2.87 14.18
N ALA B 160 -9.38 4.21 14.22
CA ALA B 160 -8.50 4.95 13.32
C ALA B 160 -7.85 6.08 14.05
N GLY B 161 -6.62 6.37 13.68
CA GLY B 161 -5.86 7.46 14.23
C GLY B 161 -5.00 8.00 13.12
N GLY B 162 -4.68 9.28 13.18
CA GLY B 162 -3.86 9.85 12.14
C GLY B 162 -3.27 11.18 12.51
N VAL B 163 -2.46 11.71 11.58
CA VAL B 163 -1.80 12.98 11.74
C VAL B 163 -1.89 13.83 10.48
N LEU B 164 -1.74 15.14 10.63
CA LEU B 164 -1.54 16.06 9.51
C LEU B 164 -0.01 16.28 9.49
N LEU B 165 0.62 15.92 8.37
CA LEU B 165 2.06 16.08 8.22
C LEU B 165 2.31 17.26 7.29
N GLU B 166 3.17 18.20 7.72
CA GLU B 166 3.41 19.44 6.99
C GLU B 166 4.87 19.77 6.80
N ALA B 167 5.17 20.57 5.74
CA ALA B 167 6.49 21.15 5.50
C ALA B 167 6.89 22.03 6.68
N SER B 168 8.13 21.93 7.10
CA SER B 168 8.65 22.67 8.22
C SER B 168 10.04 23.21 7.91
N GLU B 169 10.46 24.22 8.66
CA GLU B 169 11.76 24.85 8.60
C GLU B 169 12.70 24.07 9.50
N GLN B 170 12.12 23.23 10.37
CA GLN B 170 12.86 22.43 11.34
C GLN B 170 12.80 20.94 11.01
N GLU B 171 13.98 20.28 11.09
CA GLU B 171 14.07 18.84 10.90
C GLU B 171 13.52 18.22 12.19
N HIS B 172 12.36 17.58 12.09
CA HIS B 172 11.71 16.90 13.22
C HIS B 172 12.02 15.42 13.21
N PHE B 173 12.23 14.83 12.04
CA PHE B 173 12.55 13.41 11.87
C PHE B 173 14.03 13.19 12.13
N LEU B 174 14.35 12.64 13.30
CA LEU B 174 15.73 12.46 13.74
C LEU B 174 16.36 11.13 13.36
N ALA B 175 15.55 10.06 13.25
CA ALA B 175 16.05 8.72 12.92
C ALA B 175 14.93 7.82 12.46
N GLU B 176 15.27 6.81 11.66
CA GLU B 176 14.31 5.83 11.18
C GLU B 176 14.95 4.50 10.91
N SER B 177 14.22 3.42 11.15
CA SER B 177 14.66 2.07 10.87
C SER B 177 13.40 1.32 10.45
N LEU B 178 13.27 1.04 9.15
CA LEU B 178 12.15 0.29 8.59
C LEU B 178 12.71 -1.07 8.23
N ASN B 179 12.01 -2.12 8.68
CA ASN B 179 12.48 -3.49 8.57
C ASN B 179 11.35 -4.44 8.26
N SER B 180 11.71 -5.58 7.70
CA SER B 180 10.79 -6.65 7.33
C SER B 180 11.55 -7.99 7.37
N ASP B 181 10.83 -9.07 7.61
CA ASP B 181 11.34 -10.45 7.61
C ASP B 181 10.19 -11.38 7.20
N GLY B 182 9.97 -11.47 5.89
CA GLY B 182 8.94 -12.33 5.31
C GLY B 182 9.19 -13.82 5.52
N SER B 183 10.42 -14.21 5.91
CA SER B 183 10.76 -15.61 6.18
C SER B 183 10.02 -16.12 7.43
N ARG B 184 9.43 -15.20 8.22
CA ARG B 184 8.66 -15.51 9.42
C ARG B 184 7.20 -15.08 9.26
N SER B 185 6.79 -14.86 8.00
CA SER B 185 5.45 -14.37 7.64
C SER B 185 4.26 -15.22 8.11
N GLU B 186 4.43 -16.56 8.13
CA GLU B 186 3.33 -17.47 8.47
C GLU B 186 2.81 -17.40 9.93
N CYS B 187 3.54 -16.70 10.82
CA CYS B 187 3.16 -16.56 12.22
C CYS B 187 2.07 -15.48 12.46
N LEU B 188 1.72 -14.68 11.43
CA LEU B 188 0.67 -13.66 11.53
C LEU B 188 0.04 -13.52 10.18
N THR B 189 -1.14 -14.11 9.97
CA THR B 189 -1.77 -14.09 8.65
C THR B 189 -3.21 -13.60 8.64
N TYR B 190 -3.61 -12.96 7.55
CA TYR B 190 -4.98 -12.51 7.31
C TYR B 190 -5.21 -12.18 5.84
N GLY B 191 -6.41 -12.50 5.36
CA GLY B 191 -6.92 -12.10 4.06
C GLY B 191 -6.46 -12.87 2.86
N HIS B 192 -6.07 -14.15 3.04
CA HIS B 192 -5.68 -15.01 1.94
C HIS B 192 -6.75 -14.95 0.84
N SER B 193 -6.30 -14.76 -0.40
CA SER B 193 -7.16 -14.60 -1.56
C SER B 193 -6.61 -15.54 -2.63
N GLY B 194 -7.23 -16.71 -2.73
CA GLY B 194 -6.81 -17.77 -3.63
C GLY B 194 -7.16 -17.52 -5.07
N LEU B 195 -6.53 -18.29 -5.97
CA LEU B 195 -6.83 -18.19 -7.40
C LEU B 195 -8.26 -18.66 -7.63
N HIS B 196 -8.99 -18.02 -8.57
CA HIS B 196 -10.38 -18.35 -8.85
C HIS B 196 -10.69 -18.08 -10.31
N SER B 197 -10.57 -19.10 -11.15
CA SER B 197 -10.86 -18.95 -12.57
C SER B 197 -11.15 -20.30 -13.20
N PRO B 198 -11.85 -20.35 -14.36
CA PRO B 198 -12.10 -21.64 -15.01
C PRO B 198 -10.81 -22.31 -15.49
N PHE B 199 -9.67 -21.59 -15.36
CA PHE B 199 -8.33 -22.02 -15.78
C PHE B 199 -7.35 -22.10 -14.61
N SER B 200 -7.87 -22.03 -13.37
CA SER B 200 -7.03 -22.04 -12.16
C SER B 200 -7.33 -23.24 -11.28
N ASP B 201 -6.32 -23.75 -10.60
CA ASP B 201 -6.53 -24.87 -9.69
C ASP B 201 -7.29 -24.42 -8.45
N GLN B 202 -8.32 -25.21 -8.08
CA GLN B 202 -9.20 -24.99 -6.93
C GLN B 202 -8.35 -24.78 -5.70
N GLU B 203 -8.55 -23.62 -5.06
CA GLU B 203 -7.80 -23.18 -3.90
C GLU B 203 -8.73 -22.94 -2.73
N SER B 204 -8.29 -23.34 -1.52
CA SER B 204 -9.04 -23.12 -0.28
C SER B 204 -8.15 -23.13 0.97
N ALA B 205 -7.81 -21.92 1.43
CA ALA B 205 -7.05 -21.71 2.67
C ALA B 205 -7.85 -20.80 3.59
N ASP B 206 -7.56 -20.85 4.89
CA ASP B 206 -8.20 -20.03 5.92
C ASP B 206 -7.78 -18.57 5.74
N SER B 207 -8.77 -17.68 5.53
CA SER B 207 -8.56 -16.23 5.32
C SER B 207 -8.68 -15.39 6.59
N PHE B 208 -9.29 -15.93 7.65
CA PHE B 208 -9.43 -15.23 8.93
C PHE B 208 -8.06 -15.03 9.60
N LEU B 209 -7.95 -14.04 10.48
CA LEU B 209 -6.69 -13.74 11.18
C LEU B 209 -6.23 -14.93 12.01
N LYS B 210 -4.95 -15.32 11.82
CA LYS B 210 -4.30 -16.42 12.50
C LYS B 210 -2.96 -15.94 13.04
N MET B 211 -2.58 -16.40 14.23
CA MET B 211 -1.32 -16.01 14.86
C MET B 211 -0.67 -17.11 15.69
N ASP B 212 0.67 -17.23 15.57
CA ASP B 212 1.50 -18.09 16.40
C ASP B 212 1.99 -17.11 17.48
N GLY B 213 1.19 -17.00 18.56
CA GLY B 213 1.40 -16.08 19.67
C GLY B 213 2.77 -16.07 20.31
N ARG B 214 3.39 -17.25 20.52
CA ARG B 214 4.71 -17.38 21.13
C ARG B 214 5.81 -16.80 20.23
N THR B 215 5.72 -17.07 18.92
CA THR B 215 6.66 -16.61 17.90
C THR B 215 6.63 -15.07 17.82
N VAL B 216 5.43 -14.47 17.77
CA VAL B 216 5.26 -13.01 17.70
C VAL B 216 5.71 -12.36 19.02
N PHE B 217 5.36 -12.97 20.15
CA PHE B 217 5.73 -12.47 21.48
C PHE B 217 7.25 -12.32 21.56
N ASP B 218 7.98 -13.40 21.22
CA ASP B 218 9.43 -13.41 21.25
C ASP B 218 10.05 -12.45 20.24
N PHE B 219 9.41 -12.30 19.07
CA PHE B 219 9.87 -11.39 18.03
C PHE B 219 9.90 -9.96 18.57
N ALA B 220 8.83 -9.53 19.26
CA ALA B 220 8.70 -8.19 19.82
C ALA B 220 9.70 -7.93 20.96
N ILE B 221 9.82 -8.89 21.87
CA ILE B 221 10.64 -8.78 23.07
C ILE B 221 12.14 -8.89 22.78
N ARG B 222 12.51 -9.69 21.78
CA ARG B 222 13.90 -9.87 21.40
C ARG B 222 14.26 -9.00 20.16
N ASP B 223 13.83 -9.37 18.92
CA ASP B 223 14.12 -8.66 17.66
C ASP B 223 13.76 -7.16 17.64
N VAL B 224 12.52 -6.83 18.01
CA VAL B 224 12.05 -5.44 17.95
C VAL B 224 12.72 -4.58 19.03
N ALA B 225 12.78 -5.08 20.30
CA ALA B 225 13.41 -4.33 21.39
C ALA B 225 14.89 -4.03 21.07
N LYS B 226 15.61 -5.00 20.44
CA LYS B 226 17.01 -4.81 20.04
C LYS B 226 17.09 -3.72 18.97
N SER B 227 16.19 -3.78 17.96
CA SER B 227 16.12 -2.83 16.84
C SER B 227 15.84 -1.40 17.33
N ILE B 228 14.93 -1.24 18.31
CA ILE B 228 14.61 0.08 18.90
C ILE B 228 15.87 0.63 19.58
N LYS B 229 16.54 -0.19 20.39
CA LYS B 229 17.77 0.16 21.09
C LYS B 229 18.85 0.56 20.11
N GLN B 230 18.97 -0.16 18.98
CA GLN B 230 19.95 0.15 17.94
C GLN B 230 19.60 1.45 17.21
N THR B 231 18.30 1.74 17.01
CA THR B 231 17.82 2.98 16.36
C THR B 231 18.23 4.18 17.23
N ILE B 232 17.95 4.12 18.55
CA ILE B 232 18.36 5.15 19.51
C ILE B 232 19.88 5.32 19.46
N ASP B 233 20.64 4.20 19.47
CA ASP B 233 22.11 4.25 19.45
C ASP B 233 22.67 4.97 18.25
N GLU B 234 22.12 4.69 17.07
CA GLU B 234 22.52 5.30 15.80
C GLU B 234 21.99 6.73 15.61
N SER B 235 20.91 7.10 16.35
CA SER B 235 20.31 8.43 16.28
C SER B 235 21.20 9.49 16.98
N PRO B 236 20.99 10.81 16.73
CA PRO B 236 21.81 11.81 17.45
C PRO B 236 21.42 12.01 18.92
N ILE B 237 20.41 11.27 19.42
CA ILE B 237 19.94 11.38 20.80
C ILE B 237 20.28 10.12 21.62
N GLU B 238 20.10 10.23 22.95
CA GLU B 238 20.30 9.11 23.86
C GLU B 238 18.97 8.71 24.47
N VAL B 239 18.90 7.51 25.03
CA VAL B 239 17.69 6.93 25.63
C VAL B 239 17.01 7.91 26.65
N THR B 240 17.82 8.65 27.45
CA THR B 240 17.37 9.62 28.46
C THR B 240 16.74 10.89 27.84
N ASP B 241 17.00 11.15 26.55
CA ASP B 241 16.43 12.31 25.85
C ASP B 241 14.98 12.06 25.45
N LEU B 242 14.57 10.78 25.41
CA LEU B 242 13.22 10.41 25.01
C LEU B 242 12.19 10.70 26.09
N ASP B 243 11.17 11.47 25.73
CA ASP B 243 10.06 11.79 26.61
C ASP B 243 9.12 10.60 26.70
N TYR B 244 8.79 10.02 25.54
CA TYR B 244 7.91 8.86 25.44
C TYR B 244 8.33 7.92 24.31
N LEU B 245 8.01 6.64 24.49
CA LEU B 245 8.20 5.59 23.49
C LEU B 245 6.81 5.03 23.24
N LEU B 246 6.20 5.42 22.10
CA LEU B 246 4.84 5.01 21.71
C LEU B 246 4.94 3.78 20.83
N LEU B 247 4.65 2.63 21.44
CA LEU B 247 4.77 1.35 20.79
C LEU B 247 3.44 0.77 20.42
N HIS B 248 3.46 -0.20 19.47
CA HIS B 248 2.28 -0.93 19.05
C HIS B 248 1.62 -1.53 20.31
N GLN B 249 0.31 -1.33 20.45
CA GLN B 249 -0.49 -1.70 21.62
C GLN B 249 -1.06 -3.10 21.49
N ALA B 250 -0.22 -4.12 21.60
CA ALA B 250 -0.68 -5.50 21.43
C ALA B 250 -0.83 -6.21 22.74
N ASN B 251 0.10 -5.95 23.68
CA ASN B 251 0.14 -6.65 24.95
C ASN B 251 0.89 -5.80 26.01
N ASP B 252 0.28 -5.60 27.19
CA ASP B 252 0.89 -4.77 28.23
C ASP B 252 2.16 -5.38 28.80
N ARG B 253 2.19 -6.73 28.95
CA ARG B 253 3.36 -7.51 29.45
C ARG B 253 4.55 -7.32 28.50
N ILE B 254 4.28 -7.25 27.18
CA ILE B 254 5.29 -7.02 26.15
C ILE B 254 5.92 -5.64 26.34
N LEU B 255 5.10 -4.60 26.63
CA LEU B 255 5.61 -3.25 26.89
C LEU B 255 6.52 -3.20 28.10
N ASP B 256 6.16 -3.92 29.19
CA ASP B 256 7.00 -4.03 30.39
C ASP B 256 8.35 -4.64 30.03
N LYS B 257 8.31 -5.75 29.26
CA LYS B 257 9.48 -6.52 28.82
C LYS B 257 10.38 -5.76 27.85
N MET B 258 9.79 -5.05 26.87
CA MET B 258 10.54 -4.26 25.90
C MET B 258 11.19 -3.10 26.60
N ALA B 259 10.47 -2.46 27.55
CA ALA B 259 10.98 -1.32 28.32
C ALA B 259 12.24 -1.71 29.11
N ARG B 260 12.25 -2.93 29.69
CA ARG B 260 13.39 -3.46 30.44
C ARG B 260 14.57 -3.74 29.49
N LYS B 261 14.29 -4.39 28.35
CA LYS B 261 15.27 -4.75 27.32
C LYS B 261 15.91 -3.50 26.70
N ILE B 262 15.08 -2.46 26.41
CA ILE B 262 15.53 -1.16 25.86
C ILE B 262 16.35 -0.42 26.93
N GLY B 263 15.93 -0.56 28.19
CA GLY B 263 16.58 0.05 29.35
C GLY B 263 16.01 1.40 29.70
N VAL B 264 14.69 1.52 29.64
CA VAL B 264 13.93 2.73 29.94
C VAL B 264 12.86 2.36 30.95
N ASP B 265 12.47 3.29 31.84
CA ASP B 265 11.42 3.02 32.81
C ASP B 265 10.06 2.92 32.09
N ARG B 266 9.19 2.05 32.60
CA ARG B 266 7.87 1.76 32.06
C ARG B 266 6.96 2.99 31.95
N ALA B 267 7.13 4.01 32.82
CA ALA B 267 6.36 5.27 32.80
C ALA B 267 6.50 6.02 31.46
N LYS B 268 7.60 5.77 30.73
CA LYS B 268 7.86 6.38 29.43
C LYS B 268 7.16 5.65 28.27
N LEU B 269 6.60 4.44 28.54
CA LEU B 269 5.86 3.66 27.52
C LEU B 269 4.37 3.70 27.86
N PRO B 270 3.61 4.73 27.40
CA PRO B 270 2.17 4.75 27.69
C PRO B 270 1.42 3.58 27.03
N ALA B 271 0.25 3.21 27.60
CA ALA B 271 -0.59 2.13 27.09
C ALA B 271 -2.07 2.50 27.08
N ASN B 272 -2.80 1.97 26.09
CA ASN B 272 -4.24 2.17 25.97
C ASN B 272 -4.94 0.96 25.32
N MET B 273 -4.26 -0.22 25.30
CA MET B 273 -4.90 -1.44 24.81
C MET B 273 -6.01 -1.85 25.81
N MET B 274 -5.97 -1.29 27.04
CA MET B 274 -6.98 -1.51 28.08
C MET B 274 -8.35 -1.07 27.56
N GLU B 275 -8.40 0.06 26.81
CA GLU B 275 -9.61 0.64 26.24
C GLU B 275 -9.91 0.20 24.79
N TYR B 276 -8.87 -0.01 23.99
CA TYR B 276 -9.02 -0.24 22.55
C TYR B 276 -8.65 -1.60 22.01
N GLY B 277 -7.96 -2.39 22.83
CA GLY B 277 -7.37 -3.64 22.39
C GLY B 277 -6.27 -3.30 21.40
N ASN B 278 -5.95 -4.24 20.53
CA ASN B 278 -4.93 -4.06 19.49
C ASN B 278 -5.62 -3.65 18.20
N THR B 279 -5.36 -2.41 17.72
CA THR B 279 -5.96 -1.89 16.47
C THR B 279 -4.97 -1.88 15.28
N SER B 280 -3.98 -2.77 15.27
CA SER B 280 -2.95 -2.88 14.23
C SER B 280 -2.36 -1.50 13.82
N ALA B 281 -2.44 -1.08 12.55
CA ALA B 281 -1.90 0.20 12.06
C ALA B 281 -2.44 1.45 12.80
N ALA B 282 -3.66 1.36 13.35
CA ALA B 282 -4.23 2.50 14.06
C ALA B 282 -3.72 2.62 15.49
N SER B 283 -3.04 1.58 16.02
CA SER B 283 -2.68 1.55 17.45
C SER B 283 -1.79 2.74 17.89
N ILE B 284 -0.69 3.04 17.17
CA ILE B 284 0.19 4.16 17.56
C ILE B 284 -0.52 5.51 17.44
N PRO B 285 -1.16 5.89 16.29
CA PRO B 285 -1.76 7.22 16.22
C PRO B 285 -2.95 7.43 17.15
N ILE B 286 -3.66 6.36 17.58
CA ILE B 286 -4.74 6.49 18.58
C ILE B 286 -4.04 6.84 19.91
N LEU B 287 -2.96 6.10 20.25
CA LEU B 287 -2.20 6.36 21.47
C LEU B 287 -1.62 7.79 21.48
N LEU B 288 -1.06 8.23 20.34
CA LEU B 288 -0.49 9.58 20.22
C LEU B 288 -1.58 10.64 20.41
N SER B 289 -2.73 10.45 19.76
CA SER B 289 -3.88 11.37 19.85
C SER B 289 -4.36 11.56 21.28
N GLU B 290 -4.40 10.46 22.09
CA GLU B 290 -4.83 10.52 23.48
C GLU B 290 -3.79 11.24 24.33
N CYS B 291 -2.48 11.00 24.02
CA CYS B 291 -1.37 11.66 24.71
C CYS B 291 -1.49 13.18 24.54
N VAL B 292 -1.88 13.63 23.33
CA VAL B 292 -2.06 15.05 23.04
C VAL B 292 -3.30 15.60 23.76
N GLU B 293 -4.43 14.87 23.66
CA GLU B 293 -5.72 15.16 24.31
C GLU B 293 -5.56 15.39 25.82
N GLN B 294 -4.69 14.60 26.46
CA GLN B 294 -4.42 14.62 27.90
C GLN B 294 -3.27 15.58 28.30
N GLY B 295 -2.77 16.35 27.34
CA GLY B 295 -1.70 17.32 27.56
C GLY B 295 -0.31 16.75 27.81
N LEU B 296 -0.14 15.41 27.64
CA LEU B 296 1.15 14.71 27.80
C LEU B 296 2.12 15.18 26.72
N ILE B 297 1.60 15.36 25.49
CA ILE B 297 2.33 15.82 24.31
C ILE B 297 1.66 17.10 23.75
N PRO B 298 2.26 18.30 23.94
CA PRO B 298 1.59 19.53 23.45
C PRO B 298 1.61 19.78 21.94
N LEU B 299 2.47 19.05 21.18
CA LEU B 299 2.69 19.23 19.73
C LEU B 299 3.31 20.62 19.46
N ASP B 300 4.22 21.05 20.34
CA ASP B 300 4.89 22.37 20.22
C ASP B 300 6.41 22.26 19.93
N GLY B 301 6.87 21.08 19.53
CA GLY B 301 8.27 20.82 19.23
C GLY B 301 9.18 20.69 20.44
N SER B 302 8.61 20.72 21.67
CA SER B 302 9.35 20.65 22.94
C SER B 302 9.78 19.26 23.36
N GLN B 303 9.25 18.22 22.70
CA GLN B 303 9.54 16.83 23.06
C GLN B 303 10.23 16.01 21.98
N THR B 304 10.88 14.92 22.43
CA THR B 304 11.53 13.91 21.60
C THR B 304 10.80 12.60 21.91
N VAL B 305 10.17 12.03 20.88
CA VAL B 305 9.36 10.83 21.05
C VAL B 305 9.79 9.78 20.02
N LEU B 306 9.68 8.51 20.43
CA LEU B 306 9.98 7.37 19.59
C LEU B 306 8.66 6.65 19.31
N LEU B 307 8.48 6.25 18.05
CA LEU B 307 7.31 5.51 17.61
C LEU B 307 7.85 4.20 17.12
N SER B 308 7.23 3.10 17.54
CA SER B 308 7.65 1.78 17.06
C SER B 308 6.47 0.85 16.86
N GLY B 309 6.18 0.56 15.60
CA GLY B 309 5.12 -0.36 15.19
C GLY B 309 5.75 -1.67 14.81
N PHE B 310 5.09 -2.80 15.13
CA PHE B 310 5.66 -4.12 14.85
C PHE B 310 4.56 -5.14 14.74
N GLY B 311 4.71 -6.02 13.76
CA GLY B 311 3.70 -7.05 13.53
C GLY B 311 3.86 -7.80 12.22
N GLY B 312 2.73 -8.07 11.58
CA GLY B 312 2.64 -8.89 10.36
C GLY B 312 3.55 -8.52 9.21
N GLY B 313 4.11 -9.55 8.60
CA GLY B 313 5.04 -9.42 7.49
C GLY B 313 6.14 -10.46 7.50
N LEU B 314 6.97 -10.55 8.56
CA LEU B 314 7.00 -9.68 9.74
C LEU B 314 7.53 -8.30 9.38
N THR B 315 6.99 -7.26 10.03
CA THR B 315 7.45 -5.89 9.81
C THR B 315 7.71 -5.24 11.16
N TRP B 316 8.63 -4.28 11.19
CA TRP B 316 8.90 -3.43 12.34
C TRP B 316 9.53 -2.14 11.86
N GLY B 317 9.00 -1.04 12.35
CA GLY B 317 9.48 0.28 11.98
C GLY B 317 9.58 1.17 13.19
N THR B 318 10.69 1.92 13.28
CA THR B 318 10.98 2.82 14.39
C THR B 318 11.31 4.19 13.86
N LEU B 319 10.65 5.20 14.41
CA LEU B 319 10.90 6.58 14.09
C LEU B 319 11.24 7.33 15.36
N ILE B 320 12.23 8.19 15.30
CA ILE B 320 12.56 9.08 16.42
C ILE B 320 12.35 10.47 15.87
N LEU B 321 11.51 11.24 16.56
CA LEU B 321 11.17 12.57 16.10
C LEU B 321 10.95 13.58 17.21
N THR B 322 11.03 14.85 16.83
CA THR B 322 10.72 16.00 17.65
C THR B 322 9.24 16.22 17.36
N ILE B 323 8.45 16.42 18.41
CA ILE B 323 7.02 16.67 18.33
C ILE B 323 6.63 17.80 19.26
NA NA C . 7.67 21.37 -21.25
C1 4VN D . -8.36 2.15 -17.87
C2 4VN D . -9.22 1.88 -18.92
C3 4VN D . -10.02 0.71 -18.95
C7 4VN D . -11.00 0.38 -20.03
C8 4VN D . -12.18 1.11 -20.17
C9 4VN D . -13.15 0.73 -21.09
C10 4VN D . -12.88 -0.41 -21.89
C11 4VN D . -10.84 -0.72 -20.86
C12 4VN D . -15.10 -0.22 -23.04
C13 4VN D . -15.53 -0.27 -24.52
C14 4VN D . -15.55 -1.73 -25.00
C15 4VN D . -14.16 -2.36 -24.79
C16 4VN D . -13.77 -2.26 -23.31
CL 4VN D . -9.37 3.08 -20.16
C4 4VN D . -9.88 -0.16 -17.87
C5 4VN D . -9.02 0.09 -16.80
C6 4VN D . -8.82 -0.94 -15.73
O 4VN D . -7.52 -1.49 -15.79
C 4VN D . -8.28 1.26 -16.81
N 4VN D . -11.74 -1.13 -21.77
N1 4VN D . -13.80 -0.87 -22.84
C17 4VN D . -16.05 -1.87 -26.43
O2 4VN D . -15.38 -1.17 -27.31
O1 4VN D . -16.99 -2.59 -26.71
NA NA E . 22.34 7.71 19.82
C1 4VN F . 2.40 -7.63 17.76
C2 4VN F . 2.25 -8.55 18.80
C3 4VN F . 1.11 -9.36 18.89
C7 4VN F . 0.87 -10.34 19.98
C8 4VN F . 1.77 -11.37 20.24
C9 4VN F . 1.53 -12.29 21.25
C10 4VN F . 0.33 -12.16 21.98
C11 4VN F . -0.27 -10.30 20.78
C12 4VN F . 0.60 -14.40 23.06
C13 4VN F . 0.71 -14.90 24.50
C14 4VN F . -0.67 -14.84 25.18
C15 4VN F . -1.22 -13.41 25.11
C16 4VN F . -1.30 -12.98 23.64
CL 4VN F . 3.54 -8.72 19.94
C4 4VN F . 0.14 -9.21 17.89
C5 4VN F . 0.26 -8.29 16.86
C6 4VN F . -0.89 -8.03 15.92
O 4VN F . -0.65 -8.53 14.62
C 4VN F . 1.42 -7.52 16.80
N 4VN F . -0.56 -11.17 21.75
N1 4VN F . 0.01 -13.05 22.99
C17 4VN F . -0.69 -15.38 26.58
O2 4VN F . 0.32 -14.99 27.33
O1 4VN F . -1.60 -16.08 26.99
#